data_4USM
#
_entry.id   4USM
#
_cell.length_a   101.050
_cell.length_b   115.890
_cell.length_c   167.400
_cell.angle_alpha   90.00
_cell.angle_beta   90.00
_cell.angle_gamma   90.00
#
_symmetry.space_group_name_H-M   'C 2 2 21'
#
loop_
_entity.id
_entity.type
_entity.pdbx_description
1 polymer 'PUTATIVE SUGAR KINASE'
2 non-polymer GLYCEROL
3 non-polymer 'CHLORIDE ION'
4 water water
#
_entity_poly.entity_id   1
_entity_poly.type   'polypeptide(L)'
_entity_poly.pdbx_seq_one_letter_code
;MNPTIIRARAPLRLGLAGGGTDVAPYADTFGGYVLNATIDRYAYAVIKTLTIPAVRFVSTDQQVEKHQLISEPLELNGTL
NLHKAVYNHMIRNYNHGKPIALELSTFCDAPAGSGLGSSSTLVVVMIKAFVELLNLPLDDYAIAQLAYRIERVDCGLAGG
RQDQYSATFGGFNFMEFYEEERTIVNPLRIKNWVLCELEASLVLFYTGVSRESAKIIQDQSDNVVSHKTAAIEAMHGIKR
EALVMKEALLKGDFKAFVASMRLGWDNKKNSARTVSNAHIDEIYDAAIRAGAQAGKVSGAGGGGFMLFFVPTEKRMDLIR
TLGEYDGQVSNCHFTKNGTQAWRIAN
;
_entity_poly.pdbx_strand_id   A,B
#
loop_
_chem_comp.id
_chem_comp.type
_chem_comp.name
_chem_comp.formula
CL non-polymer 'CHLORIDE ION' 'Cl -1'
GOL non-polymer GLYCEROL 'C3 H8 O3'
#
# COMPACT_ATOMS: atom_id res chain seq x y z
N ASN A 2 2.33 26.75 -26.33
CA ASN A 2 2.15 25.52 -27.15
C ASN A 2 1.20 24.52 -26.48
N PRO A 3 0.34 23.85 -27.28
CA PRO A 3 -0.60 22.86 -26.74
C PRO A 3 0.04 21.71 -25.95
N THR A 4 -0.63 21.30 -24.87
CA THR A 4 -0.19 20.19 -24.05
C THR A 4 -1.08 18.96 -24.32
N ILE A 5 -0.47 17.79 -24.44
CA ILE A 5 -1.23 16.54 -24.54
C ILE A 5 -0.78 15.58 -23.43
N ILE A 6 -1.74 15.14 -22.63
CA ILE A 6 -1.51 14.26 -21.47
CA ILE A 6 -1.44 14.21 -21.56
C ILE A 6 -2.32 13.00 -21.72
N ARG A 7 -1.75 11.82 -21.48
CA ARG A 7 -2.60 10.63 -21.43
C ARG A 7 -2.43 9.95 -20.06
N ALA A 8 -3.47 9.25 -19.64
CA ALA A 8 -3.38 8.47 -18.41
C ALA A 8 -4.09 7.14 -18.70
N ARG A 9 -3.65 6.09 -18.00
CA ARG A 9 -4.34 4.81 -18.10
C ARG A 9 -4.51 4.20 -16.69
N ALA A 10 -5.51 3.34 -16.53
CA ALA A 10 -5.72 2.65 -15.28
C ALA A 10 -6.24 1.26 -15.59
N PRO A 11 -5.68 0.24 -14.90
CA PRO A 11 -6.08 -1.12 -15.18
C PRO A 11 -7.48 -1.46 -14.64
N LEU A 12 -8.22 -2.23 -15.42
CA LEU A 12 -9.47 -2.86 -15.00
C LEU A 12 -9.20 -4.03 -14.05
N ARG A 13 -10.25 -4.63 -13.49
CA ARG A 13 -10.05 -5.59 -12.42
C ARG A 13 -10.98 -6.79 -12.43
N LEU A 14 -10.45 -7.89 -11.93
CA LEU A 14 -11.27 -9.07 -11.69
CA LEU A 14 -11.21 -9.10 -11.70
C LEU A 14 -11.67 -9.06 -10.25
N GLY A 15 -12.97 -9.26 -10.00
CA GLY A 15 -13.46 -9.36 -8.62
C GLY A 15 -13.26 -10.80 -8.23
N LEU A 16 -12.36 -11.08 -7.30
CA LEU A 16 -12.08 -12.47 -6.95
C LEU A 16 -13.02 -12.95 -5.83
N ALA A 17 -13.26 -12.09 -4.85
CA ALA A 17 -14.15 -12.46 -3.74
C ALA A 17 -14.63 -11.22 -3.01
N GLY A 18 -15.80 -11.33 -2.38
CA GLY A 18 -16.26 -10.30 -1.46
C GLY A 18 -17.18 -9.23 -2.04
N GLY A 19 -17.27 -9.19 -3.38
CA GLY A 19 -18.10 -8.18 -4.04
C GLY A 19 -19.54 -8.29 -3.55
N GLY A 20 -20.18 -7.16 -3.27
CA GLY A 20 -21.50 -7.19 -2.63
C GLY A 20 -21.39 -6.70 -1.19
N THR A 21 -20.30 -7.07 -0.49
CA THR A 21 -20.09 -6.54 0.87
C THR A 21 -19.58 -5.12 0.87
N ASP A 22 -19.23 -4.61 -0.31
CA ASP A 22 -18.88 -3.19 -0.43
C ASP A 22 -20.09 -2.27 -0.72
N VAL A 23 -21.29 -2.82 -0.83
CA VAL A 23 -22.51 -1.99 -1.00
CA VAL A 23 -22.51 -2.01 -1.00
C VAL A 23 -22.74 -1.21 0.29
N ALA A 24 -23.17 0.05 0.15
CA ALA A 24 -23.18 1.03 1.27
C ALA A 24 -23.73 0.53 2.62
N PRO A 25 -24.99 0.04 2.63
CA PRO A 25 -25.52 -0.40 3.93
C PRO A 25 -24.73 -1.54 4.55
N TYR A 26 -24.24 -2.47 3.75
CA TYR A 26 -23.51 -3.60 4.30
C TYR A 26 -22.17 -3.15 4.90
N ALA A 27 -21.38 -2.43 4.11
CA ALA A 27 -20.04 -2.01 4.54
C ALA A 27 -20.16 -1.15 5.81
N ASP A 28 -21.11 -0.21 5.81
CA ASP A 28 -21.30 0.68 6.94
C ASP A 28 -21.77 -0.01 8.22
N THR A 29 -22.54 -1.09 8.09
CA THR A 29 -23.12 -1.79 9.23
C THR A 29 -22.23 -2.91 9.78
N PHE A 30 -21.65 -3.74 8.89
CA PHE A 30 -20.89 -4.93 9.31
C PHE A 30 -19.41 -4.90 8.94
N GLY A 31 -19.03 -3.99 8.04
CA GLY A 31 -17.66 -3.97 7.49
C GLY A 31 -17.60 -4.89 6.28
N GLY A 32 -17.10 -4.36 5.15
CA GLY A 32 -16.98 -5.19 3.93
C GLY A 32 -15.55 -5.68 3.72
N TYR A 33 -15.41 -6.83 3.04
CA TYR A 33 -14.10 -7.29 2.56
C TYR A 33 -14.22 -7.57 1.07
N VAL A 34 -13.21 -7.14 0.31
CA VAL A 34 -13.10 -7.52 -1.10
CA VAL A 34 -13.09 -7.60 -1.08
C VAL A 34 -11.66 -7.98 -1.41
N LEU A 35 -11.53 -9.05 -2.17
CA LEU A 35 -10.26 -9.49 -2.74
C LEU A 35 -10.37 -9.27 -4.25
N ASN A 36 -9.50 -8.42 -4.80
CA ASN A 36 -9.53 -8.21 -6.25
C ASN A 36 -8.11 -8.11 -6.83
N ALA A 37 -8.01 -8.14 -8.16
CA ALA A 37 -6.71 -8.08 -8.83
C ALA A 37 -6.85 -7.42 -10.19
N THR A 38 -5.95 -6.49 -10.48
CA THR A 38 -5.97 -5.81 -11.76
C THR A 38 -5.42 -6.68 -12.86
N ILE A 39 -6.01 -6.55 -14.03
CA ILE A 39 -5.61 -7.29 -15.22
C ILE A 39 -5.08 -6.36 -16.30
N ASP A 40 -4.70 -7.01 -17.41
CA ASP A 40 -3.99 -6.36 -18.53
CA ASP A 40 -4.09 -6.48 -18.60
C ASP A 40 -4.91 -5.59 -19.51
N ARG A 41 -6.01 -5.01 -19.01
CA ARG A 41 -6.93 -4.24 -19.85
CA ARG A 41 -6.94 -4.23 -19.85
C ARG A 41 -7.14 -2.90 -19.16
N TYR A 42 -7.29 -1.83 -19.94
CA TYR A 42 -7.21 -0.47 -19.36
C TYR A 42 -8.35 0.47 -19.74
N ALA A 43 -8.64 1.42 -18.85
CA ALA A 43 -9.41 2.63 -19.22
C ALA A 43 -8.38 3.74 -19.42
N TYR A 44 -8.70 4.69 -20.30
CA TYR A 44 -7.77 5.75 -20.67
C TYR A 44 -8.49 7.09 -20.62
N ALA A 45 -7.73 8.12 -20.29
CA ALA A 45 -8.16 9.51 -20.44
C ALA A 45 -7.07 10.29 -21.16
N VAL A 46 -7.50 11.26 -21.98
CA VAL A 46 -6.59 12.15 -22.63
C VAL A 46 -7.06 13.59 -22.37
N ILE A 47 -6.11 14.45 -22.04
CA ILE A 47 -6.34 15.90 -21.99
C ILE A 47 -5.50 16.55 -23.06
N LYS A 48 -6.17 17.32 -23.93
CA LYS A 48 -5.49 18.19 -24.91
CA LYS A 48 -5.48 18.20 -24.90
C LYS A 48 -5.89 19.62 -24.59
N THR A 49 -4.91 20.48 -24.37
CA THR A 49 -5.24 21.90 -24.12
C THR A 49 -5.66 22.49 -25.46
N LEU A 50 -6.55 23.48 -25.44
CA LEU A 50 -7.09 24.01 -26.68
C LEU A 50 -6.68 25.48 -26.89
N THR A 51 -6.64 25.91 -28.15
CA THR A 51 -6.26 27.30 -28.45
C THR A 51 -7.47 28.20 -28.69
N ILE A 52 -8.65 27.59 -28.70
CA ILE A 52 -9.92 28.29 -28.73
C ILE A 52 -10.53 28.32 -27.33
N PRO A 53 -11.32 29.38 -27.01
CA PRO A 53 -11.96 29.43 -25.72
C PRO A 53 -13.16 28.45 -25.62
N ALA A 54 -12.87 27.16 -25.40
CA ALA A 54 -13.93 26.14 -25.31
C ALA A 54 -13.52 25.01 -24.40
N VAL A 55 -14.49 24.23 -23.94
CA VAL A 55 -14.21 22.99 -23.24
CA VAL A 55 -14.23 22.98 -23.23
C VAL A 55 -14.98 21.90 -23.99
N ARG A 56 -14.31 20.78 -24.25
CA ARG A 56 -14.93 19.68 -24.96
CA ARG A 56 -14.95 19.68 -24.96
C ARG A 56 -14.75 18.41 -24.17
N PHE A 57 -15.81 17.58 -24.12
CA PHE A 57 -15.76 16.25 -23.47
C PHE A 57 -16.13 15.18 -24.47
N VAL A 58 -15.31 14.11 -24.54
CA VAL A 58 -15.56 13.01 -25.46
C VAL A 58 -15.55 11.69 -24.68
N SER A 59 -16.53 10.83 -24.89
CA SER A 59 -16.60 9.55 -24.16
C SER A 59 -16.27 8.30 -24.97
N THR A 60 -16.08 7.17 -24.26
CA THR A 60 -15.76 5.85 -24.86
C THR A 60 -16.71 5.41 -25.96
N ASP A 61 -18.02 5.62 -25.71
CA ASP A 61 -18.99 5.30 -26.76
CA ASP A 61 -19.10 5.36 -26.66
C ASP A 61 -19.23 6.53 -27.65
N GLN A 62 -18.23 7.40 -27.62
CA GLN A 62 -18.12 8.54 -28.54
CA GLN A 62 -18.11 8.56 -28.53
C GLN A 62 -19.23 9.62 -28.47
N GLN A 63 -19.91 9.76 -27.30
CA GLN A 63 -20.72 10.96 -27.03
CA GLN A 63 -20.72 10.96 -27.03
C GLN A 63 -19.77 12.16 -26.95
N VAL A 64 -20.25 13.35 -27.32
CA VAL A 64 -19.40 14.52 -27.34
C VAL A 64 -20.19 15.75 -26.96
N GLU A 65 -19.64 16.51 -26.04
CA GLU A 65 -20.22 17.78 -25.64
CA GLU A 65 -20.23 17.77 -25.62
C GLU A 65 -19.22 18.90 -25.76
N LYS A 66 -19.69 20.08 -26.13
CA LYS A 66 -18.79 21.22 -26.29
CA LYS A 66 -18.80 21.22 -26.29
C LYS A 66 -19.44 22.45 -25.69
N HIS A 67 -18.67 23.20 -24.89
CA HIS A 67 -19.17 24.41 -24.24
C HIS A 67 -18.19 25.54 -24.47
N GLN A 68 -18.69 26.77 -24.30
CA GLN A 68 -17.86 27.97 -24.24
CA GLN A 68 -17.83 27.94 -24.27
C GLN A 68 -17.27 28.17 -22.83
N LEU A 69 -16.38 29.15 -22.70
CA LEU A 69 -15.67 29.42 -21.43
C LEU A 69 -16.40 30.43 -20.51
N ILE A 70 -16.91 29.93 -19.38
CA ILE A 70 -17.51 30.77 -18.32
C ILE A 70 -16.93 30.49 -16.93
N SER A 71 -17.16 31.42 -16.00
CA SER A 71 -16.73 31.25 -14.61
C SER A 71 -17.83 30.72 -13.67
N GLU A 72 -18.65 29.82 -14.22
CA GLU A 72 -19.66 29.10 -13.45
CA GLU A 72 -19.70 29.11 -13.49
C GLU A 72 -19.43 27.60 -13.63
N PRO A 73 -19.76 26.79 -12.60
CA PRO A 73 -19.54 25.34 -12.80
C PRO A 73 -20.41 24.83 -13.93
N LEU A 74 -19.94 23.81 -14.65
CA LEU A 74 -20.75 23.19 -15.70
C LEU A 74 -21.91 22.47 -15.08
N GLU A 75 -23.07 22.54 -15.72
CA GLU A 75 -24.27 21.88 -15.20
CA GLU A 75 -24.27 21.89 -15.18
C GLU A 75 -24.19 20.38 -15.43
N LEU A 76 -24.63 19.59 -14.46
CA LEU A 76 -24.66 18.14 -14.65
C LEU A 76 -26.03 17.76 -15.22
N ASN A 77 -26.17 17.85 -16.54
CA ASN A 77 -27.49 17.76 -17.20
C ASN A 77 -27.83 16.36 -17.63
N GLY A 78 -26.93 15.42 -17.34
CA GLY A 78 -27.19 14.01 -17.63
C GLY A 78 -26.43 13.52 -18.85
N THR A 79 -25.71 14.42 -19.51
CA THR A 79 -24.86 14.00 -20.61
C THR A 79 -23.41 14.20 -20.15
N LEU A 80 -22.66 13.09 -20.04
CA LEU A 80 -21.23 13.13 -19.64
C LEU A 80 -21.00 13.82 -18.30
N ASN A 81 -21.86 13.49 -17.34
CA ASN A 81 -21.80 14.11 -16.01
C ASN A 81 -20.46 13.87 -15.33
N LEU A 82 -19.91 12.66 -15.48
CA LEU A 82 -18.63 12.33 -14.79
C LEU A 82 -17.48 13.18 -15.30
N HIS A 83 -17.40 13.37 -16.63
CA HIS A 83 -16.40 14.23 -17.24
C HIS A 83 -16.53 15.66 -16.69
N LYS A 84 -17.76 16.18 -16.74
CA LYS A 84 -18.00 17.57 -16.27
C LYS A 84 -17.70 17.73 -14.78
N ALA A 85 -18.03 16.71 -13.98
CA ALA A 85 -17.84 16.79 -12.53
C ALA A 85 -16.36 16.74 -12.15
N VAL A 86 -15.59 15.90 -12.83
CA VAL A 86 -14.14 15.91 -12.63
C VAL A 86 -13.57 17.29 -13.01
N TYR A 87 -13.95 17.79 -14.20
CA TYR A 87 -13.54 19.12 -14.63
C TYR A 87 -13.94 20.21 -13.58
N ASN A 88 -15.21 20.24 -13.20
CA ASN A 88 -15.68 21.19 -12.13
C ASN A 88 -14.84 21.12 -10.85
N HIS A 89 -14.63 19.91 -10.34
CA HIS A 89 -13.77 19.76 -9.16
C HIS A 89 -12.37 20.35 -9.30
N MET A 90 -11.73 20.07 -10.43
CA MET A 90 -10.36 20.51 -10.65
C MET A 90 -10.26 22.03 -10.83
N ILE A 91 -11.13 22.60 -11.64
CA ILE A 91 -11.14 24.07 -11.83
C ILE A 91 -11.47 24.82 -10.54
N ARG A 92 -12.45 24.33 -9.81
CA ARG A 92 -12.79 24.93 -8.52
C ARG A 92 -11.65 24.82 -7.48
N ASN A 93 -11.03 23.64 -7.37
CA ASN A 93 -10.09 23.43 -6.28
C ASN A 93 -8.65 23.77 -6.58
N TYR A 94 -8.27 23.82 -7.86
CA TYR A 94 -6.86 24.01 -8.17
C TYR A 94 -6.61 25.14 -9.12
N ASN A 95 -7.67 25.78 -9.56
CA ASN A 95 -7.48 26.85 -10.53
C ASN A 95 -8.34 28.05 -10.23
N HIS A 96 -8.69 28.15 -8.94
CA HIS A 96 -9.40 29.31 -8.39
C HIS A 96 -10.65 29.65 -9.18
N GLY A 97 -11.29 28.63 -9.74
CA GLY A 97 -12.56 28.79 -10.45
C GLY A 97 -12.42 29.37 -11.84
N LYS A 98 -11.19 29.49 -12.33
CA LYS A 98 -10.92 29.99 -13.67
C LYS A 98 -10.93 28.80 -14.64
N PRO A 99 -11.84 28.83 -15.62
CA PRO A 99 -11.90 27.75 -16.62
C PRO A 99 -10.59 27.57 -17.36
N ILE A 100 -10.35 26.33 -17.81
CA ILE A 100 -9.25 25.98 -18.67
C ILE A 100 -9.86 25.43 -19.96
N ALA A 101 -9.46 26.01 -21.09
CA ALA A 101 -9.69 25.49 -22.46
C ALA A 101 -8.95 24.18 -22.67
N LEU A 102 -9.70 23.10 -22.78
CA LEU A 102 -9.12 21.78 -22.97
C LEU A 102 -10.21 20.82 -23.48
N GLU A 103 -9.76 19.71 -24.03
CA GLU A 103 -10.61 18.63 -24.37
C GLU A 103 -10.22 17.44 -23.51
N LEU A 104 -11.20 16.90 -22.81
CA LEU A 104 -11.05 15.68 -21.98
C LEU A 104 -11.77 14.52 -22.63
N SER A 105 -11.00 13.51 -23.03
CA SER A 105 -11.58 12.36 -23.72
CA SER A 105 -11.52 12.35 -23.76
C SER A 105 -11.25 11.06 -23.00
N THR A 106 -12.14 10.08 -23.14
CA THR A 106 -11.92 8.77 -22.52
C THR A 106 -12.19 7.65 -23.52
N PHE A 107 -11.59 6.49 -23.30
CA PHE A 107 -11.90 5.29 -24.05
C PHE A 107 -11.52 4.12 -23.16
N CYS A 108 -11.96 2.92 -23.51
CA CYS A 108 -11.73 1.78 -22.62
C CYS A 108 -11.60 0.44 -23.36
N ASP A 109 -10.75 -0.44 -22.83
CA ASP A 109 -10.57 -1.78 -23.39
C ASP A 109 -11.75 -2.72 -23.15
N ALA A 110 -12.77 -2.28 -22.40
CA ALA A 110 -13.97 -3.11 -22.18
C ALA A 110 -15.18 -2.21 -22.15
N PRO A 111 -16.30 -2.67 -22.69
CA PRO A 111 -17.46 -1.78 -22.67
C PRO A 111 -18.19 -1.81 -21.32
N ALA A 112 -19.12 -0.88 -21.15
CA ALA A 112 -19.98 -0.82 -19.98
C ALA A 112 -20.64 -2.18 -19.76
N GLY A 113 -20.78 -2.57 -18.50
CA GLY A 113 -21.42 -3.84 -18.11
C GLY A 113 -20.57 -5.10 -18.27
N SER A 114 -19.26 -4.93 -18.36
CA SER A 114 -18.34 -6.06 -18.55
C SER A 114 -17.96 -6.76 -17.25
N GLY A 115 -18.30 -6.17 -16.11
CA GLY A 115 -17.97 -6.78 -14.84
C GLY A 115 -16.51 -6.60 -14.44
N LEU A 116 -15.83 -5.62 -15.06
CA LEU A 116 -14.42 -5.39 -14.82
C LEU A 116 -14.12 -4.05 -14.12
N GLY A 117 -15.16 -3.39 -13.62
CA GLY A 117 -14.97 -2.16 -12.86
C GLY A 117 -14.75 -0.95 -13.73
N SER A 118 -15.19 -0.99 -15.00
CA SER A 118 -14.80 0.11 -15.91
C SER A 118 -15.40 1.46 -15.52
N SER A 119 -16.64 1.49 -15.03
CA SER A 119 -17.22 2.80 -14.73
C SER A 119 -16.38 3.67 -13.78
N SER A 120 -15.98 3.10 -12.64
CA SER A 120 -15.17 3.86 -11.67
C SER A 120 -13.72 4.00 -12.16
N THR A 121 -13.24 3.01 -12.89
CA THR A 121 -11.87 3.07 -13.42
C THR A 121 -11.73 4.29 -14.33
N LEU A 122 -12.78 4.56 -15.12
CA LEU A 122 -12.78 5.73 -16.00
C LEU A 122 -12.70 7.04 -15.21
N VAL A 123 -13.40 7.11 -14.07
CA VAL A 123 -13.31 8.33 -13.23
C VAL A 123 -11.89 8.54 -12.67
N VAL A 124 -11.29 7.46 -12.17
CA VAL A 124 -9.91 7.49 -11.69
C VAL A 124 -8.94 7.98 -12.76
N VAL A 125 -9.07 7.45 -13.99
CA VAL A 125 -8.17 7.84 -15.02
C VAL A 125 -8.35 9.32 -15.42
N MET A 126 -9.59 9.83 -15.41
CA MET A 126 -9.77 11.27 -15.71
C MET A 126 -9.09 12.11 -14.59
N ILE A 127 -9.24 11.66 -13.35
CA ILE A 127 -8.56 12.34 -12.23
C ILE A 127 -7.04 12.33 -12.42
N LYS A 128 -6.49 11.14 -12.72
CA LYS A 128 -5.04 11.01 -12.91
C LYS A 128 -4.54 11.93 -14.03
N ALA A 129 -5.30 12.05 -15.13
CA ALA A 129 -4.89 12.99 -16.20
C ALA A 129 -4.76 14.42 -15.68
N PHE A 130 -5.72 14.85 -14.87
CA PHE A 130 -5.62 16.16 -14.22
C PHE A 130 -4.49 16.28 -13.20
N VAL A 131 -4.23 15.21 -12.45
CA VAL A 131 -3.05 15.18 -11.57
C VAL A 131 -1.78 15.51 -12.34
N GLU A 132 -1.65 14.88 -13.51
CA GLU A 132 -0.49 15.11 -14.38
C GLU A 132 -0.50 16.53 -14.98
N LEU A 133 -1.66 17.00 -15.42
CA LEU A 133 -1.73 18.31 -16.05
C LEU A 133 -1.37 19.43 -15.08
N LEU A 134 -1.89 19.34 -13.86
CA LEU A 134 -1.78 20.44 -12.91
C LEU A 134 -0.69 20.20 -11.85
N ASN A 135 0.00 19.08 -11.99
CA ASN A 135 1.03 18.67 -11.03
C ASN A 135 0.53 18.65 -9.58
N LEU A 136 -0.52 17.85 -9.34
CA LEU A 136 -1.17 17.83 -8.03
C LEU A 136 -0.51 16.79 -7.12
N PRO A 137 -0.37 17.10 -5.83
CA PRO A 137 0.24 16.11 -4.93
C PRO A 137 -0.78 15.12 -4.33
N LEU A 138 -1.71 14.62 -5.13
CA LEU A 138 -2.70 13.68 -4.61
C LEU A 138 -2.11 12.28 -4.50
N ASP A 139 -2.12 11.69 -3.31
CA ASP A 139 -1.67 10.30 -3.15
C ASP A 139 -2.78 9.31 -3.56
N ASP A 140 -2.48 8.01 -3.48
CA ASP A 140 -3.42 6.99 -4.00
C ASP A 140 -4.73 6.94 -3.23
N TYR A 141 -4.64 6.97 -1.91
CA TYR A 141 -5.87 7.11 -1.10
C TYR A 141 -6.71 8.34 -1.51
N ALA A 142 -6.07 9.46 -1.74
CA ALA A 142 -6.79 10.68 -2.10
C ALA A 142 -7.41 10.59 -3.48
N ILE A 143 -6.71 10.04 -4.47
CA ILE A 143 -7.30 9.86 -5.81
C ILE A 143 -8.52 8.93 -5.73
N ALA A 144 -8.38 7.81 -5.01
CA ALA A 144 -9.48 6.85 -4.92
C ALA A 144 -10.70 7.45 -4.18
N GLN A 145 -10.44 8.13 -3.06
CA GLN A 145 -11.50 8.82 -2.32
CA GLN A 145 -11.44 8.87 -2.29
C GLN A 145 -12.19 9.86 -3.19
N LEU A 146 -11.42 10.66 -3.93
CA LEU A 146 -12.01 11.66 -4.82
C LEU A 146 -12.88 11.01 -5.91
N ALA A 147 -12.39 9.93 -6.51
CA ALA A 147 -13.18 9.24 -7.53
C ALA A 147 -14.52 8.80 -6.96
N TYR A 148 -14.48 8.25 -5.74
CA TYR A 148 -15.69 7.80 -5.09
C TYR A 148 -16.66 8.98 -4.91
N ARG A 149 -16.15 10.09 -4.40
CA ARG A 149 -16.96 11.28 -4.11
CA ARG A 149 -17.00 11.25 -4.11
C ARG A 149 -17.59 11.84 -5.38
N ILE A 150 -16.78 11.99 -6.43
CA ILE A 150 -17.28 12.52 -7.68
CA ILE A 150 -17.23 12.49 -7.73
C ILE A 150 -18.40 11.66 -8.24
N GLU A 151 -18.21 10.35 -8.24
CA GLU A 151 -19.18 9.45 -8.83
C GLU A 151 -20.46 9.32 -7.97
N ARG A 152 -20.28 9.12 -6.66
CA ARG A 152 -21.39 8.73 -5.79
C ARG A 152 -22.09 9.92 -5.13
N VAL A 153 -21.36 11.03 -4.96
CA VAL A 153 -21.91 12.21 -4.34
C VAL A 153 -22.21 13.27 -5.42
N ASP A 154 -21.18 13.82 -6.07
CA ASP A 154 -21.42 14.86 -7.09
C ASP A 154 -22.42 14.42 -8.16
N CYS A 155 -22.26 13.18 -8.65
CA CYS A 155 -23.07 12.70 -9.75
C CYS A 155 -24.23 11.84 -9.25
N GLY A 156 -24.27 11.61 -7.94
CA GLY A 156 -25.35 10.86 -7.31
C GLY A 156 -25.55 9.45 -7.80
N LEU A 157 -24.49 8.79 -8.25
CA LEU A 157 -24.67 7.43 -8.79
C LEU A 157 -24.36 6.38 -7.74
N ALA A 158 -25.34 5.53 -7.45
CA ALA A 158 -25.17 4.46 -6.45
C ALA A 158 -24.24 3.38 -6.96
N GLY A 159 -23.47 2.77 -6.06
CA GLY A 159 -22.60 1.68 -6.51
C GLY A 159 -21.67 1.21 -5.41
N GLY A 160 -20.62 0.49 -5.79
CA GLY A 160 -19.67 -0.07 -4.84
C GLY A 160 -18.52 0.84 -4.48
N ARG A 161 -17.56 0.28 -3.75
CA ARG A 161 -16.44 1.03 -3.26
C ARG A 161 -15.09 0.41 -3.65
N GLN A 162 -15.09 -0.73 -4.32
CA GLN A 162 -13.81 -1.45 -4.55
C GLN A 162 -13.08 -0.97 -5.82
N ASP A 163 -13.83 -0.56 -6.84
CA ASP A 163 -13.20 -0.30 -8.15
C ASP A 163 -12.32 0.92 -8.17
N GLN A 164 -12.65 1.93 -7.36
CA GLN A 164 -11.81 3.13 -7.31
C GLN A 164 -10.42 2.75 -6.81
N TYR A 165 -10.37 1.79 -5.88
CA TYR A 165 -9.12 1.42 -5.24
C TYR A 165 -8.25 0.51 -6.12
N SER A 166 -8.87 -0.45 -6.78
CA SER A 166 -8.12 -1.31 -7.72
C SER A 166 -7.50 -0.45 -8.83
N ALA A 167 -8.28 0.49 -9.37
CA ALA A 167 -7.84 1.31 -10.54
C ALA A 167 -6.66 2.19 -10.16
N THR A 168 -6.72 2.74 -8.94
CA THR A 168 -5.68 3.64 -8.46
C THR A 168 -4.42 2.87 -8.04
N PHE A 169 -4.62 1.88 -7.16
CA PHE A 169 -3.47 1.21 -6.51
C PHE A 169 -2.83 0.15 -7.42
N GLY A 170 -3.66 -0.63 -8.11
CA GLY A 170 -3.17 -1.74 -8.95
C GLY A 170 -2.76 -2.97 -8.12
N GLY A 171 -2.59 -4.10 -8.81
CA GLY A 171 -2.09 -5.34 -8.21
C GLY A 171 -3.17 -6.15 -7.53
N PHE A 172 -2.77 -7.06 -6.66
CA PHE A 172 -3.69 -7.88 -5.88
C PHE A 172 -3.88 -7.19 -4.55
N ASN A 173 -5.13 -6.89 -4.22
CA ASN A 173 -5.43 -6.20 -2.97
C ASN A 173 -6.57 -6.87 -2.22
N PHE A 174 -6.46 -6.85 -0.89
CA PHE A 174 -7.55 -7.20 0.02
C PHE A 174 -7.98 -5.89 0.64
N MET A 175 -9.24 -5.50 0.43
CA MET A 175 -9.72 -4.24 0.95
CA MET A 175 -9.77 -4.23 0.93
C MET A 175 -10.74 -4.43 2.06
N GLU A 176 -10.61 -3.57 3.09
CA GLU A 176 -11.55 -3.55 4.21
C GLU A 176 -12.35 -2.23 4.11
N PHE A 177 -13.67 -2.34 4.11
CA PHE A 177 -14.52 -1.14 3.99
C PHE A 177 -15.31 -0.99 5.29
N TYR A 178 -15.22 0.20 5.88
CA TYR A 178 -15.89 0.51 7.13
C TYR A 178 -16.74 1.76 6.94
N GLU A 179 -17.47 2.12 7.99
CA GLU A 179 -18.35 3.30 7.99
CA GLU A 179 -18.35 3.29 8.00
C GLU A 179 -17.56 4.59 7.80
N GLU A 180 -18.26 5.63 7.37
CA GLU A 180 -17.69 6.97 7.18
C GLU A 180 -16.55 6.99 6.16
N GLU A 181 -16.75 6.25 5.06
CA GLU A 181 -15.82 6.23 3.92
CA GLU A 181 -15.82 6.22 3.91
C GLU A 181 -14.40 5.75 4.29
N ARG A 182 -14.30 4.98 5.37
CA ARG A 182 -12.99 4.47 5.79
C ARG A 182 -12.63 3.14 5.12
N THR A 183 -11.56 3.16 4.32
CA THR A 183 -11.13 2.01 3.53
C THR A 183 -9.68 1.70 3.84
N ILE A 184 -9.37 0.42 4.09
CA ILE A 184 -7.96 0.00 4.23
C ILE A 184 -7.62 -0.89 3.04
N VAL A 185 -6.61 -0.49 2.26
CA VAL A 185 -6.09 -1.31 1.16
C VAL A 185 -4.89 -2.12 1.67
N ASN A 186 -4.96 -3.45 1.54
CA ASN A 186 -3.87 -4.37 1.90
C ASN A 186 -3.30 -4.98 0.62
N PRO A 187 -2.19 -4.41 0.10
CA PRO A 187 -1.57 -5.05 -1.06
C PRO A 187 -1.03 -6.41 -0.67
N LEU A 188 -1.33 -7.44 -1.45
CA LEU A 188 -0.98 -8.81 -1.08
C LEU A 188 0.34 -9.14 -1.78
N ARG A 189 1.32 -9.53 -0.99
CA ARG A 189 2.58 -9.88 -1.61
CA ARG A 189 2.65 -9.92 -1.48
C ARG A 189 2.56 -11.38 -1.88
N ILE A 190 1.98 -11.69 -3.04
CA ILE A 190 1.81 -13.08 -3.40
C ILE A 190 3.12 -13.63 -4.03
N LYS A 191 3.51 -14.84 -3.65
CA LYS A 191 4.74 -15.45 -4.19
C LYS A 191 4.67 -15.61 -5.70
N ASN A 192 5.81 -15.44 -6.37
CA ASN A 192 5.84 -15.56 -7.83
CA ASN A 192 5.87 -15.56 -7.82
C ASN A 192 5.25 -16.87 -8.34
N TRP A 193 5.60 -18.01 -7.71
CA TRP A 193 5.07 -19.28 -8.20
C TRP A 193 3.53 -19.31 -8.08
N VAL A 194 2.99 -18.64 -7.05
CA VAL A 194 1.53 -18.66 -6.83
C VAL A 194 0.84 -17.86 -7.93
N LEU A 195 1.41 -16.70 -8.28
CA LEU A 195 0.88 -15.89 -9.35
CA LEU A 195 0.91 -15.88 -9.36
C LEU A 195 0.94 -16.64 -10.69
N CYS A 196 2.06 -17.31 -10.97
CA CYS A 196 2.17 -18.03 -12.22
C CYS A 196 1.17 -19.18 -12.26
N GLU A 197 1.11 -19.94 -11.16
CA GLU A 197 0.16 -21.07 -11.06
C GLU A 197 -1.29 -20.60 -11.24
N LEU A 198 -1.63 -19.47 -10.62
CA LEU A 198 -2.98 -18.92 -10.71
C LEU A 198 -3.29 -18.55 -12.16
N GLU A 199 -2.38 -17.83 -12.83
CA GLU A 199 -2.61 -17.49 -14.24
C GLU A 199 -2.73 -18.75 -15.10
N ALA A 200 -1.95 -19.78 -14.79
CA ALA A 200 -1.96 -21.03 -15.56
C ALA A 200 -3.31 -21.77 -15.38
N SER A 201 -4.01 -21.46 -14.30
CA SER A 201 -5.23 -22.14 -13.92
C SER A 201 -6.49 -21.30 -14.14
N LEU A 202 -6.37 -20.07 -14.63
CA LEU A 202 -7.58 -19.24 -14.83
C LEU A 202 -7.93 -19.11 -16.31
N VAL A 203 -9.21 -19.26 -16.62
CA VAL A 203 -9.73 -18.99 -17.94
C VAL A 203 -10.84 -17.93 -17.82
N LEU A 204 -10.81 -16.90 -18.67
CA LEU A 204 -11.82 -15.83 -18.62
C LEU A 204 -12.82 -16.08 -19.73
N PHE A 205 -14.07 -15.74 -19.47
CA PHE A 205 -15.07 -15.93 -20.54
C PHE A 205 -16.04 -14.77 -20.53
N TYR A 206 -16.07 -13.99 -21.62
CA TYR A 206 -16.95 -12.83 -21.70
C TYR A 206 -18.32 -13.28 -22.19
N THR A 207 -19.35 -13.15 -21.37
CA THR A 207 -20.68 -13.69 -21.69
C THR A 207 -21.58 -12.66 -22.40
N GLY A 208 -21.14 -11.40 -22.49
CA GLY A 208 -21.98 -10.31 -22.99
C GLY A 208 -22.18 -9.23 -21.94
N VAL A 209 -22.91 -8.19 -22.32
CA VAL A 209 -23.17 -7.01 -21.46
CA VAL A 209 -23.15 -7.02 -21.45
C VAL A 209 -24.11 -7.35 -20.31
N SER A 210 -23.72 -7.04 -19.08
CA SER A 210 -24.66 -7.19 -17.98
C SER A 210 -25.49 -5.93 -17.88
N ARG A 211 -26.81 -6.12 -17.77
CA ARG A 211 -27.75 -5.03 -17.54
CA ARG A 211 -27.67 -4.96 -17.49
C ARG A 211 -28.26 -5.06 -16.08
N GLU A 212 -27.62 -5.87 -15.24
CA GLU A 212 -28.14 -6.12 -13.88
C GLU A 212 -27.43 -5.44 -12.71
N SER A 213 -26.28 -4.78 -12.95
CA SER A 213 -25.44 -4.28 -11.86
CA SER A 213 -25.46 -4.29 -11.85
C SER A 213 -26.23 -3.38 -10.92
N ALA A 214 -26.94 -2.39 -11.47
CA ALA A 214 -27.69 -1.44 -10.65
C ALA A 214 -28.77 -2.13 -9.81
N LYS A 215 -29.45 -3.08 -10.42
CA LYS A 215 -30.49 -3.88 -9.73
C LYS A 215 -29.90 -4.76 -8.64
N ILE A 216 -28.79 -5.43 -8.92
CA ILE A 216 -28.14 -6.29 -7.91
C ILE A 216 -27.70 -5.49 -6.69
N ILE A 217 -27.04 -4.35 -6.94
CA ILE A 217 -26.54 -3.51 -5.87
C ILE A 217 -27.70 -2.95 -5.05
N GLN A 218 -28.77 -2.56 -5.73
CA GLN A 218 -29.97 -2.08 -5.03
C GLN A 218 -30.58 -3.20 -4.17
N ASP A 219 -30.67 -4.41 -4.72
CA ASP A 219 -31.19 -5.55 -3.94
C ASP A 219 -30.33 -5.89 -2.72
N GLN A 220 -29.02 -5.88 -2.92
CA GLN A 220 -28.09 -6.16 -1.81
C GLN A 220 -28.20 -5.07 -0.74
N SER A 221 -28.39 -3.83 -1.16
CA SER A 221 -28.54 -2.73 -0.19
CA SER A 221 -28.56 -2.71 -0.22
C SER A 221 -29.85 -2.92 0.57
N ASP A 222 -30.92 -3.22 -0.16
CA ASP A 222 -32.24 -3.47 0.43
CA ASP A 222 -32.23 -3.45 0.46
C ASP A 222 -32.21 -4.64 1.42
N ASN A 223 -31.38 -5.65 1.12
CA ASN A 223 -31.28 -6.80 2.03
C ASN A 223 -30.99 -6.34 3.45
N VAL A 224 -30.03 -5.43 3.56
CA VAL A 224 -29.60 -4.90 4.84
C VAL A 224 -30.67 -3.95 5.41
N VAL A 225 -31.11 -2.99 4.59
CA VAL A 225 -32.03 -1.96 5.06
C VAL A 225 -33.34 -2.60 5.55
N SER A 226 -33.86 -3.58 4.81
CA SER A 226 -35.15 -4.19 5.13
CA SER A 226 -35.16 -4.18 5.12
C SER A 226 -35.04 -5.45 5.96
N HIS A 227 -33.84 -5.72 6.48
CA HIS A 227 -33.61 -6.87 7.37
C HIS A 227 -34.06 -8.22 6.76
N LYS A 228 -33.62 -8.51 5.53
CA LYS A 228 -33.90 -9.81 4.91
CA LYS A 228 -33.91 -9.79 4.92
C LYS A 228 -32.88 -10.81 5.44
N THR A 229 -33.28 -11.53 6.47
CA THR A 229 -32.38 -12.37 7.25
C THR A 229 -31.51 -13.35 6.45
N ALA A 230 -32.14 -14.17 5.61
CA ALA A 230 -31.37 -15.18 4.88
C ALA A 230 -30.43 -14.54 3.86
N ALA A 231 -30.91 -13.49 3.19
CA ALA A 231 -30.10 -12.77 2.21
C ALA A 231 -28.91 -12.04 2.86
N ILE A 232 -29.13 -11.47 4.06
CA ILE A 232 -28.02 -10.89 4.82
C ILE A 232 -26.98 -11.97 5.20
N GLU A 233 -27.45 -13.13 5.63
CA GLU A 233 -26.56 -14.25 5.94
C GLU A 233 -25.75 -14.72 4.70
N ALA A 234 -26.36 -14.69 3.51
CA ALA A 234 -25.61 -15.00 2.26
C ALA A 234 -24.46 -13.98 2.11
N MET A 235 -24.76 -12.70 2.38
CA MET A 235 -23.73 -11.65 2.34
C MET A 235 -22.65 -11.83 3.42
N HIS A 236 -23.03 -12.28 4.62
CA HIS A 236 -22.02 -12.67 5.64
C HIS A 236 -21.07 -13.75 5.12
N GLY A 237 -21.63 -14.66 4.34
CA GLY A 237 -20.87 -15.73 3.70
C GLY A 237 -19.96 -15.19 2.62
N ILE A 238 -20.44 -14.25 1.81
CA ILE A 238 -19.56 -13.57 0.83
C ILE A 238 -18.34 -12.99 1.58
N LYS A 239 -18.58 -12.28 2.69
CA LYS A 239 -17.50 -11.67 3.46
C LYS A 239 -16.49 -12.69 3.99
N ARG A 240 -17.01 -13.75 4.63
CA ARG A 240 -16.17 -14.79 5.21
CA ARG A 240 -16.23 -14.84 5.20
C ARG A 240 -15.26 -15.43 4.18
N GLU A 241 -15.82 -15.77 3.02
CA GLU A 241 -15.06 -16.43 1.96
C GLU A 241 -14.02 -15.54 1.29
N ALA A 242 -14.23 -14.22 1.30
CA ALA A 242 -13.18 -13.30 0.82
C ALA A 242 -11.91 -13.40 1.69
N LEU A 243 -12.09 -13.45 3.01
CA LEU A 243 -10.93 -13.63 3.91
C LEU A 243 -10.28 -15.01 3.75
N VAL A 244 -11.08 -16.07 3.60
CA VAL A 244 -10.54 -17.40 3.37
C VAL A 244 -9.71 -17.44 2.09
N MET A 245 -10.23 -16.81 1.01
CA MET A 245 -9.51 -16.80 -0.27
C MET A 245 -8.21 -15.98 -0.15
N LYS A 246 -8.27 -14.84 0.54
CA LYS A 246 -7.07 -14.03 0.79
C LYS A 246 -5.96 -14.87 1.46
N GLU A 247 -6.32 -15.55 2.55
CA GLU A 247 -5.38 -16.41 3.27
C GLU A 247 -4.87 -17.55 2.38
N ALA A 248 -5.77 -18.16 1.60
CA ALA A 248 -5.36 -19.23 0.67
C ALA A 248 -4.25 -18.76 -0.30
N LEU A 249 -4.38 -17.55 -0.83
CA LEU A 249 -3.38 -17.02 -1.76
C LEU A 249 -2.03 -16.75 -1.09
N LEU A 250 -2.07 -16.15 0.10
CA LEU A 250 -0.85 -15.90 0.86
C LEU A 250 -0.16 -17.19 1.23
N LYS A 251 -0.96 -18.24 1.49
CA LYS A 251 -0.39 -19.56 1.87
C LYS A 251 -0.05 -20.44 0.66
N GLY A 252 -0.39 -20.01 -0.55
CA GLY A 252 -0.21 -20.89 -1.71
C GLY A 252 -1.04 -22.18 -1.59
N ASP A 253 -2.28 -22.05 -1.15
CA ASP A 253 -3.12 -23.21 -0.87
C ASP A 253 -4.23 -23.25 -1.88
N PHE A 254 -3.97 -23.89 -3.02
CA PHE A 254 -4.97 -23.85 -4.11
C PHE A 254 -6.22 -24.66 -3.84
N LYS A 255 -6.11 -25.69 -3.01
CA LYS A 255 -7.29 -26.46 -2.60
CA LYS A 255 -7.29 -26.47 -2.59
C LYS A 255 -8.28 -25.57 -1.84
N ALA A 256 -7.76 -24.80 -0.90
CA ALA A 256 -8.60 -23.87 -0.12
C ALA A 256 -9.13 -22.76 -0.99
N PHE A 257 -8.33 -22.31 -1.97
CA PHE A 257 -8.75 -21.24 -2.89
C PHE A 257 -10.00 -21.66 -3.68
N VAL A 258 -9.96 -22.83 -4.30
CA VAL A 258 -11.12 -23.28 -5.08
CA VAL A 258 -11.08 -23.36 -5.07
C VAL A 258 -12.33 -23.61 -4.20
N ALA A 259 -12.11 -24.16 -3.02
CA ALA A 259 -13.26 -24.44 -2.11
C ALA A 259 -13.95 -23.13 -1.73
N SER A 260 -13.14 -22.08 -1.46
CA SER A 260 -13.70 -20.78 -1.07
CA SER A 260 -13.71 -20.79 -1.07
C SER A 260 -14.41 -20.10 -2.24
N MET A 261 -13.93 -20.32 -3.46
CA MET A 261 -14.59 -19.73 -4.63
C MET A 261 -15.98 -20.38 -4.86
N ARG A 262 -16.06 -21.69 -4.67
CA ARG A 262 -17.35 -22.40 -4.80
C ARG A 262 -18.38 -21.91 -3.78
N LEU A 263 -17.97 -21.79 -2.52
CA LEU A 263 -18.87 -21.32 -1.48
C LEU A 263 -19.24 -19.88 -1.69
N GLY A 264 -18.24 -19.06 -2.05
CA GLY A 264 -18.51 -17.67 -2.38
C GLY A 264 -19.48 -17.46 -3.53
N TRP A 265 -19.39 -18.31 -4.56
CA TRP A 265 -20.30 -18.20 -5.70
C TRP A 265 -21.75 -18.55 -5.29
N ASP A 266 -21.90 -19.59 -4.47
CA ASP A 266 -23.23 -19.94 -3.93
CA ASP A 266 -23.22 -19.95 -3.90
C ASP A 266 -23.82 -18.76 -3.14
N ASN A 267 -23.00 -18.18 -2.24
CA ASN A 267 -23.40 -17.03 -1.40
C ASN A 267 -23.78 -15.81 -2.23
N LYS A 268 -22.95 -15.51 -3.24
CA LYS A 268 -23.21 -14.39 -4.12
C LYS A 268 -24.56 -14.53 -4.85
N LYS A 269 -24.83 -15.71 -5.41
CA LYS A 269 -26.10 -15.96 -6.11
C LYS A 269 -27.29 -15.87 -5.13
N ASN A 270 -27.09 -16.30 -3.89
CA ASN A 270 -28.14 -16.21 -2.86
C ASN A 270 -28.43 -14.80 -2.32
N SER A 271 -27.49 -13.87 -2.53
CA SER A 271 -27.61 -12.52 -2.01
C SER A 271 -28.52 -11.61 -2.87
N ALA A 272 -28.70 -11.94 -4.14
CA ALA A 272 -29.53 -11.14 -5.03
C ALA A 272 -30.03 -12.01 -6.18
N ARG A 273 -31.31 -11.83 -6.54
CA ARG A 273 -31.96 -12.73 -7.48
C ARG A 273 -31.30 -12.79 -8.86
N THR A 274 -30.83 -11.66 -9.39
CA THR A 274 -30.34 -11.60 -10.76
C THR A 274 -28.80 -11.72 -10.94
N VAL A 275 -28.09 -12.05 -9.85
CA VAL A 275 -26.62 -12.30 -9.93
C VAL A 275 -26.34 -13.36 -10.98
N SER A 276 -27.12 -14.43 -10.94
CA SER A 276 -27.04 -15.41 -12.01
C SER A 276 -28.40 -15.58 -12.69
N ASN A 277 -28.42 -16.41 -13.73
CA ASN A 277 -29.65 -16.74 -14.47
C ASN A 277 -29.44 -18.08 -15.17
N ALA A 278 -30.43 -18.54 -15.94
CA ALA A 278 -30.35 -19.90 -16.50
C ALA A 278 -29.22 -19.97 -17.53
N HIS A 279 -29.04 -18.89 -18.28
CA HIS A 279 -27.99 -18.81 -19.28
C HIS A 279 -26.59 -18.90 -18.65
N ILE A 280 -26.31 -18.06 -17.64
CA ILE A 280 -25.03 -18.11 -16.91
C ILE A 280 -24.85 -19.47 -16.25
N ASP A 281 -25.91 -20.00 -15.65
CA ASP A 281 -25.80 -21.32 -15.02
C ASP A 281 -25.54 -22.44 -16.02
N GLU A 282 -26.02 -22.28 -17.26
CA GLU A 282 -25.76 -23.28 -18.30
C GLU A 282 -24.27 -23.30 -18.63
N ILE A 283 -23.70 -22.10 -18.88
CA ILE A 283 -22.25 -21.93 -19.07
C ILE A 283 -21.48 -22.49 -17.88
N TYR A 284 -21.86 -22.10 -16.66
CA TYR A 284 -21.17 -22.58 -15.47
C TYR A 284 -21.15 -24.11 -15.41
N ASP A 285 -22.32 -24.71 -15.64
CA ASP A 285 -22.40 -26.17 -15.53
C ASP A 285 -21.53 -26.87 -16.60
N ALA A 286 -21.54 -26.32 -17.82
CA ALA A 286 -20.73 -26.87 -18.91
C ALA A 286 -19.23 -26.76 -18.55
N ALA A 287 -18.83 -25.63 -17.96
CA ALA A 287 -17.43 -25.44 -17.57
C ALA A 287 -17.02 -26.51 -16.55
N ILE A 288 -17.88 -26.73 -15.57
CA ILE A 288 -17.62 -27.70 -14.52
C ILE A 288 -17.51 -29.12 -15.12
N ARG A 289 -18.41 -29.50 -16.02
CA ARG A 289 -18.36 -30.83 -16.63
CA ARG A 289 -18.32 -30.86 -16.54
C ARG A 289 -17.06 -31.04 -17.42
N ALA A 290 -16.60 -29.97 -18.05
CA ALA A 290 -15.38 -30.00 -18.84
C ALA A 290 -14.11 -30.06 -17.99
N GLY A 291 -14.25 -29.94 -16.67
CA GLY A 291 -13.11 -30.01 -15.76
C GLY A 291 -12.78 -28.79 -14.88
N ALA A 292 -13.44 -27.65 -15.10
CA ALA A 292 -13.28 -26.50 -14.18
C ALA A 292 -13.62 -26.94 -12.77
N GLN A 293 -12.87 -26.47 -11.77
CA GLN A 293 -13.15 -26.78 -10.36
C GLN A 293 -14.02 -25.75 -9.64
N ALA A 294 -14.03 -24.51 -10.14
CA ALA A 294 -14.80 -23.39 -9.56
C ALA A 294 -14.89 -22.26 -10.58
N GLY A 295 -15.78 -21.30 -10.33
CA GLY A 295 -15.91 -20.16 -11.22
C GLY A 295 -16.90 -19.19 -10.66
N LYS A 296 -17.02 -18.03 -11.33
CA LYS A 296 -17.90 -16.98 -10.84
C LYS A 296 -18.02 -15.90 -11.88
N VAL A 297 -19.02 -15.04 -11.72
CA VAL A 297 -19.11 -13.84 -12.51
CA VAL A 297 -19.09 -13.84 -12.53
C VAL A 297 -18.25 -12.81 -11.78
N SER A 298 -17.44 -12.06 -12.54
CA SER A 298 -16.51 -11.13 -11.96
C SER A 298 -17.13 -9.92 -11.27
N GLY A 299 -18.09 -9.23 -11.86
CA GLY A 299 -18.54 -8.00 -11.13
C GLY A 299 -19.79 -8.26 -10.27
N ALA A 300 -20.75 -7.34 -10.25
CA ALA A 300 -21.98 -7.52 -9.44
C ALA A 300 -22.72 -8.81 -9.84
N GLY A 301 -22.76 -9.08 -11.15
CA GLY A 301 -23.39 -10.30 -11.66
C GLY A 301 -24.28 -10.02 -12.85
N GLY A 302 -24.99 -11.04 -13.30
CA GLY A 302 -25.97 -10.88 -14.38
C GLY A 302 -25.42 -10.85 -15.80
N GLY A 303 -24.12 -11.07 -15.96
CA GLY A 303 -23.48 -11.08 -17.30
C GLY A 303 -22.08 -10.53 -17.13
N GLY A 304 -21.47 -10.05 -18.22
CA GLY A 304 -20.06 -9.65 -18.21
C GLY A 304 -19.11 -10.83 -18.15
N PHE A 305 -17.88 -10.60 -17.67
CA PHE A 305 -16.87 -11.64 -17.59
C PHE A 305 -17.15 -12.67 -16.51
N MET A 306 -17.01 -13.93 -16.87
CA MET A 306 -16.86 -15.00 -15.88
C MET A 306 -15.40 -15.42 -15.79
N LEU A 307 -15.00 -15.94 -14.64
CA LEU A 307 -13.68 -16.56 -14.51
C LEU A 307 -13.84 -17.98 -13.98
N PHE A 308 -13.00 -18.90 -14.47
CA PHE A 308 -13.01 -20.28 -14.07
C PHE A 308 -11.63 -20.71 -13.60
N PHE A 309 -11.58 -21.48 -12.53
CA PHE A 309 -10.34 -22.11 -12.11
C PHE A 309 -10.35 -23.54 -12.64
N VAL A 310 -9.29 -23.91 -13.38
CA VAL A 310 -9.25 -25.24 -14.03
C VAL A 310 -7.84 -25.83 -13.86
N PRO A 311 -7.75 -27.12 -13.48
CA PRO A 311 -6.39 -27.68 -13.41
C PRO A 311 -5.77 -27.71 -14.80
N THR A 312 -4.44 -27.64 -14.87
CA THR A 312 -3.80 -27.40 -16.16
C THR A 312 -4.06 -28.55 -17.15
N GLU A 313 -4.20 -29.77 -16.63
CA GLU A 313 -4.46 -30.91 -17.54
CA GLU A 313 -4.53 -30.98 -17.42
C GLU A 313 -5.86 -30.91 -18.17
N LYS A 314 -6.75 -30.01 -17.72
CA LYS A 314 -8.07 -29.86 -18.30
C LYS A 314 -8.30 -28.50 -18.95
N ARG A 315 -7.27 -27.64 -18.91
CA ARG A 315 -7.39 -26.26 -19.43
C ARG A 315 -7.85 -26.20 -20.89
N MET A 316 -7.16 -26.93 -21.77
CA MET A 316 -7.55 -26.92 -23.17
C MET A 316 -8.96 -27.48 -23.40
N ASP A 317 -9.35 -28.52 -22.66
CA ASP A 317 -10.72 -29.05 -22.75
C ASP A 317 -11.74 -27.97 -22.41
N LEU A 318 -11.49 -27.24 -21.32
CA LEU A 318 -12.40 -26.16 -20.92
C LEU A 318 -12.46 -25.07 -22.01
N ILE A 319 -11.29 -24.68 -22.53
CA ILE A 319 -11.24 -23.67 -23.59
C ILE A 319 -12.07 -24.13 -24.80
N ARG A 320 -11.93 -25.40 -25.18
CA ARG A 320 -12.66 -25.96 -26.32
CA ARG A 320 -12.68 -25.95 -26.32
C ARG A 320 -14.18 -25.87 -26.06
N THR A 321 -14.61 -26.34 -24.89
CA THR A 321 -16.02 -26.32 -24.48
C THR A 321 -16.66 -24.92 -24.51
N LEU A 322 -15.96 -23.94 -23.95
CA LEU A 322 -16.50 -22.60 -23.88
C LEU A 322 -16.72 -22.05 -25.29
N GLY A 323 -15.91 -22.53 -26.24
CA GLY A 323 -16.07 -22.21 -27.65
C GLY A 323 -17.45 -22.52 -28.21
N GLU A 324 -18.12 -23.52 -27.62
CA GLU A 324 -19.47 -23.95 -28.00
CA GLU A 324 -19.46 -23.91 -28.07
C GLU A 324 -20.59 -23.03 -27.49
N TYR A 325 -20.23 -22.06 -26.66
CA TYR A 325 -21.23 -21.14 -26.09
C TYR A 325 -21.01 -19.74 -26.60
N ASP A 326 -22.02 -18.89 -26.41
CA ASP A 326 -21.97 -17.51 -26.88
C ASP A 326 -21.06 -16.70 -25.94
N GLY A 327 -20.04 -16.05 -26.50
CA GLY A 327 -19.03 -15.30 -25.72
C GLY A 327 -17.61 -15.52 -26.23
N GLN A 328 -16.63 -14.83 -25.61
CA GLN A 328 -15.22 -14.87 -26.04
CA GLN A 328 -15.24 -14.91 -26.04
C GLN A 328 -14.34 -15.36 -24.88
N VAL A 329 -13.50 -16.36 -25.16
CA VAL A 329 -12.54 -16.89 -24.18
C VAL A 329 -11.27 -16.07 -24.20
N SER A 330 -10.63 -15.90 -23.04
CA SER A 330 -9.31 -15.32 -23.00
CA SER A 330 -9.34 -15.23 -22.94
C SER A 330 -8.50 -15.84 -21.83
N ASN A 331 -7.18 -15.67 -21.90
CA ASN A 331 -6.36 -16.07 -20.76
C ASN A 331 -6.46 -14.94 -19.73
N CYS A 332 -5.84 -15.13 -18.58
CA CYS A 332 -5.87 -14.13 -17.56
C CYS A 332 -4.45 -13.70 -17.23
N HIS A 333 -4.12 -12.42 -17.44
CA HIS A 333 -2.79 -11.94 -17.07
C HIS A 333 -2.91 -10.74 -16.15
N PHE A 334 -2.34 -10.89 -14.95
CA PHE A 334 -2.41 -9.85 -13.93
C PHE A 334 -1.36 -8.76 -14.16
N THR A 335 -1.70 -7.54 -13.77
CA THR A 335 -0.75 -6.43 -13.82
C THR A 335 -0.48 -5.91 -12.43
N LYS A 336 0.75 -5.48 -12.17
CA LYS A 336 1.11 -5.03 -10.82
C LYS A 336 0.94 -3.52 -10.61
N ASN A 337 0.91 -2.76 -11.70
CA ASN A 337 0.91 -1.28 -11.62
C ASN A 337 -0.48 -0.67 -11.56
N GLY A 338 -0.60 0.42 -10.81
CA GLY A 338 -1.82 1.19 -10.76
C GLY A 338 -1.85 2.22 -11.88
N THR A 339 -2.64 3.26 -11.66
CA THR A 339 -2.84 4.27 -12.69
C THR A 339 -1.53 5.02 -12.97
N GLN A 340 -1.30 5.29 -14.26
CA GLN A 340 -0.05 5.90 -14.74
CA GLN A 340 -0.06 5.88 -14.76
C GLN A 340 -0.41 6.96 -15.78
N ALA A 341 0.41 8.01 -15.86
CA ALA A 341 0.21 9.07 -16.86
C ALA A 341 1.52 9.36 -17.63
N TRP A 342 1.39 9.87 -18.85
CA TRP A 342 2.55 10.29 -19.63
C TRP A 342 2.18 11.47 -20.52
N ARG A 343 3.19 12.15 -21.04
CA ARG A 343 3.01 13.35 -21.90
C ARG A 343 3.43 13.07 -23.32
N ILE A 344 2.76 13.71 -24.26
CA ILE A 344 3.01 13.54 -25.69
C ILE A 344 3.42 14.89 -26.27
N ALA A 345 2.75 15.97 -25.82
CA ALA A 345 3.21 17.33 -26.12
C ALA A 345 3.34 18.15 -24.83
N ASN A 346 4.44 18.90 -24.70
CA ASN A 346 4.62 19.84 -23.57
C ASN A 346 4.31 19.25 -22.18
N ASN B 2 15.95 -34.60 8.28
CA ASN B 2 16.74 -33.47 7.72
C ASN B 2 16.17 -32.07 8.03
N PRO B 3 17.04 -31.17 8.53
CA PRO B 3 16.63 -29.82 8.94
C PRO B 3 16.13 -28.88 7.83
N THR B 4 15.41 -27.85 8.27
CA THR B 4 14.93 -26.77 7.42
C THR B 4 15.75 -25.53 7.75
N ILE B 5 16.17 -24.80 6.71
CA ILE B 5 16.86 -23.51 6.86
C ILE B 5 16.11 -22.40 6.10
N ILE B 6 15.74 -21.35 6.83
CA ILE B 6 15.01 -20.20 6.29
CA ILE B 6 15.06 -20.21 6.24
C ILE B 6 15.85 -18.96 6.56
N ARG B 7 15.88 -18.03 5.60
CA ARG B 7 16.44 -16.72 5.91
C ARG B 7 15.39 -15.68 5.53
N ALA B 8 15.43 -14.54 6.20
CA ALA B 8 14.59 -13.41 5.84
C ALA B 8 15.45 -12.17 5.94
N ARG B 9 15.13 -11.15 5.16
CA ARG B 9 15.79 -9.87 5.30
C ARG B 9 14.77 -8.75 5.28
N ALA B 10 15.12 -7.62 5.88
CA ALA B 10 14.26 -6.44 5.81
C ALA B 10 15.13 -5.20 5.69
N PRO B 11 14.74 -4.27 4.79
CA PRO B 11 15.59 -3.09 4.56
C PRO B 11 15.48 -2.10 5.73
N LEU B 12 16.62 -1.51 6.07
CA LEU B 12 16.72 -0.37 6.98
C LEU B 12 16.19 0.91 6.31
N ARG B 13 16.08 1.99 7.07
CA ARG B 13 15.42 3.18 6.54
C ARG B 13 16.08 4.49 6.91
N LEU B 14 15.90 5.44 6.00
CA LEU B 14 16.23 6.83 6.27
CA LEU B 14 16.24 6.82 6.22
C LEU B 14 14.98 7.56 6.68
N GLY B 15 15.08 8.30 7.79
CA GLY B 15 13.95 9.14 8.21
C GLY B 15 14.10 10.46 7.48
N LEU B 16 13.17 10.78 6.59
CA LEU B 16 13.32 12.01 5.80
C LEU B 16 12.64 13.18 6.50
N ALA B 17 11.48 12.92 7.10
CA ALA B 17 10.73 13.95 7.80
C ALA B 17 9.74 13.37 8.82
N GLY B 18 9.42 14.16 9.84
CA GLY B 18 8.35 13.87 10.74
C GLY B 18 8.68 13.03 11.96
N GLY B 19 9.89 12.47 12.03
CA GLY B 19 10.31 11.64 13.18
C GLY B 19 10.21 12.46 14.47
N GLY B 20 9.68 11.85 15.53
CA GLY B 20 9.35 12.59 16.74
C GLY B 20 7.84 12.76 16.87
N THR B 21 7.13 12.92 15.75
CA THR B 21 5.66 12.99 15.83
C THR B 21 5.05 11.61 15.99
N ASP B 22 5.87 10.56 15.88
CA ASP B 22 5.40 9.20 16.08
C ASP B 22 5.57 8.71 17.53
N VAL B 23 6.10 9.55 18.42
CA VAL B 23 6.19 9.19 19.86
C VAL B 23 4.77 9.19 20.43
N ALA B 24 4.53 8.27 21.36
CA ALA B 24 3.16 7.91 21.81
C ALA B 24 2.22 9.06 22.16
N PRO B 25 2.64 9.95 23.10
CA PRO B 25 1.75 11.06 23.46
C PRO B 25 1.41 11.98 22.28
N TYR B 26 2.38 12.25 21.40
CA TYR B 26 2.11 13.16 20.29
C TYR B 26 1.15 12.52 19.28
N ALA B 27 1.48 11.32 18.81
CA ALA B 27 0.63 10.63 17.83
C ALA B 27 -0.82 10.50 18.34
N ASP B 28 -0.95 10.05 19.59
CA ASP B 28 -2.26 9.85 20.22
C ASP B 28 -3.07 11.14 20.39
N THR B 29 -2.39 12.26 20.59
CA THR B 29 -3.07 13.52 20.88
C THR B 29 -3.33 14.35 19.65
N PHE B 30 -2.33 14.49 18.78
CA PHE B 30 -2.45 15.40 17.63
C PHE B 30 -2.44 14.69 16.28
N GLY B 31 -1.97 13.44 16.27
CA GLY B 31 -1.75 12.72 15.02
C GLY B 31 -0.35 12.99 14.52
N GLY B 32 0.39 11.92 14.19
CA GLY B 32 1.74 12.03 13.66
C GLY B 32 1.82 11.85 12.15
N TYR B 33 2.83 12.46 11.53
CA TYR B 33 3.17 12.20 10.11
C TYR B 33 4.65 11.86 10.04
N VAL B 34 4.98 10.79 9.31
CA VAL B 34 6.38 10.50 9.00
C VAL B 34 6.54 10.23 7.50
N LEU B 35 7.58 10.83 6.92
CA LEU B 35 8.03 10.48 5.57
C LEU B 35 9.35 9.72 5.69
N ASN B 36 9.37 8.47 5.23
CA ASN B 36 10.60 7.70 5.26
C ASN B 36 10.82 6.87 3.99
N ALA B 37 12.02 6.35 3.86
CA ALA B 37 12.35 5.57 2.65
C ALA B 37 13.39 4.49 2.96
N THR B 38 13.14 3.27 2.50
CA THR B 38 14.09 2.18 2.73
C THR B 38 15.30 2.28 1.81
N ILE B 39 16.44 1.88 2.36
CA ILE B 39 17.71 1.89 1.62
C ILE B 39 18.29 0.48 1.47
N ASP B 40 19.46 0.46 0.82
CA ASP B 40 20.14 -0.79 0.40
CA ASP B 40 20.26 -0.69 0.44
C ASP B 40 20.92 -1.51 1.52
N ARG B 41 20.46 -1.40 2.77
CA ARG B 41 21.12 -2.04 3.90
CA ARG B 41 21.12 -2.07 3.89
C ARG B 41 20.05 -2.81 4.66
N TYR B 42 20.41 -4.00 5.16
CA TYR B 42 19.40 -4.95 5.69
C TYR B 42 19.63 -5.48 7.10
N ALA B 43 18.53 -5.76 7.79
CA ALA B 43 18.55 -6.67 8.96
C ALA B 43 18.18 -8.07 8.47
N TYR B 44 18.73 -9.11 9.11
CA TYR B 44 18.54 -10.48 8.66
C TYR B 44 18.15 -11.36 9.84
N ALA B 45 17.31 -12.35 9.58
CA ALA B 45 17.05 -13.44 10.55
C ALA B 45 17.19 -14.75 9.84
N VAL B 46 17.68 -15.76 10.57
CA VAL B 46 17.77 -17.12 10.07
C VAL B 46 17.10 -18.06 11.08
N ILE B 47 16.29 -18.97 10.58
CA ILE B 47 15.79 -20.09 11.40
C ILE B 47 16.36 -21.38 10.85
N LYS B 48 17.00 -22.14 11.73
CA LYS B 48 17.46 -23.50 11.42
CA LYS B 48 17.45 -23.49 11.41
C LYS B 48 16.75 -24.45 12.38
N THR B 49 16.03 -25.43 11.85
CA THR B 49 15.39 -26.44 12.72
C THR B 49 16.51 -27.33 13.27
N LEU B 50 16.32 -27.83 14.49
CA LEU B 50 17.34 -28.65 15.15
C LEU B 50 16.86 -30.09 15.38
N THR B 51 17.82 -30.99 15.50
CA THR B 51 17.53 -32.42 15.69
C THR B 51 17.58 -32.77 17.17
N ILE B 52 18.28 -31.94 17.95
CA ILE B 52 18.29 -32.04 19.40
C ILE B 52 17.10 -31.28 20.03
N PRO B 53 16.67 -31.69 21.24
CA PRO B 53 15.54 -30.98 21.82
C PRO B 53 15.99 -29.73 22.57
N ALA B 54 16.32 -28.68 21.80
CA ALA B 54 16.76 -27.42 22.39
C ALA B 54 16.26 -26.24 21.56
N VAL B 55 16.25 -25.06 22.16
CA VAL B 55 16.03 -23.82 21.41
CA VAL B 55 16.03 -23.81 21.41
C VAL B 55 17.26 -22.93 21.65
N ARG B 56 17.76 -22.33 20.57
CA ARG B 56 18.93 -21.45 20.65
CA ARG B 56 18.94 -21.47 20.64
C ARG B 56 18.62 -20.12 19.99
N PHE B 57 19.07 -19.05 20.63
CA PHE B 57 18.94 -17.68 20.09
C PHE B 57 20.30 -17.05 19.93
N VAL B 58 20.58 -16.46 18.76
CA VAL B 58 21.88 -15.83 18.48
C VAL B 58 21.64 -14.42 17.96
N SER B 59 22.31 -13.43 18.56
CA SER B 59 22.12 -12.03 18.11
C SER B 59 23.25 -11.42 17.27
N THR B 60 22.98 -10.22 16.74
CA THR B 60 23.89 -9.43 15.89
C THR B 60 25.26 -9.14 16.53
N ASP B 61 25.25 -8.73 17.81
CA ASP B 61 26.54 -8.57 18.51
CA ASP B 61 26.48 -8.55 18.62
C ASP B 61 26.92 -9.90 19.19
N GLN B 62 26.35 -10.97 18.63
CA GLN B 62 26.76 -12.35 18.91
CA GLN B 62 26.77 -12.35 18.91
C GLN B 62 26.55 -12.86 20.35
N GLN B 63 25.57 -12.28 21.07
CA GLN B 63 25.05 -12.92 22.31
CA GLN B 63 25.07 -12.92 22.31
C GLN B 63 24.38 -14.23 21.93
N VAL B 64 24.37 -15.20 22.85
CA VAL B 64 23.83 -16.52 22.52
C VAL B 64 23.22 -17.11 23.76
N GLU B 65 22.01 -17.62 23.58
CA GLU B 65 21.26 -18.26 24.64
CA GLU B 65 21.27 -18.25 24.65
C GLU B 65 20.78 -19.61 24.19
N LYS B 66 20.79 -20.59 25.09
CA LYS B 66 20.36 -21.92 24.75
CA LYS B 66 20.36 -21.92 24.75
C LYS B 66 19.48 -22.44 25.88
N HIS B 67 18.35 -23.05 25.52
CA HIS B 67 17.36 -23.62 26.46
C HIS B 67 16.96 -25.02 26.03
N GLN B 68 16.49 -25.82 26.97
CA GLN B 68 15.90 -27.11 26.60
CA GLN B 68 15.89 -27.12 26.66
C GLN B 68 14.40 -26.95 26.32
N LEU B 69 13.76 -28.02 25.80
CA LEU B 69 12.34 -27.97 25.40
C LEU B 69 11.34 -28.04 26.56
N ILE B 70 10.60 -26.95 26.75
CA ILE B 70 9.57 -26.85 27.79
C ILE B 70 8.23 -26.42 27.18
N SER B 71 7.14 -26.82 27.82
CA SER B 71 5.80 -26.34 27.41
C SER B 71 5.35 -25.12 28.24
N GLU B 72 6.34 -24.30 28.62
CA GLU B 72 6.10 -23.03 29.29
CA GLU B 72 6.12 -23.03 29.31
C GLU B 72 6.72 -21.92 28.44
N PRO B 73 6.08 -20.71 28.43
CA PRO B 73 6.75 -19.64 27.68
C PRO B 73 8.13 -19.36 28.26
N LEU B 74 9.06 -18.95 27.41
CA LEU B 74 10.37 -18.57 27.85
C LEU B 74 10.25 -17.29 28.62
N GLU B 75 11.01 -17.19 29.72
CA GLU B 75 11.07 -15.97 30.52
CA GLU B 75 11.01 -15.96 30.49
C GLU B 75 11.83 -14.88 29.79
N LEU B 76 11.37 -13.64 29.92
CA LEU B 76 12.04 -12.50 29.34
C LEU B 76 12.95 -11.92 30.42
N ASN B 77 14.17 -12.49 30.52
CA ASN B 77 15.06 -12.20 31.67
C ASN B 77 16.01 -11.07 31.40
N GLY B 78 15.88 -10.46 30.21
CA GLY B 78 16.74 -9.35 29.84
C GLY B 78 17.87 -9.73 28.89
N THR B 79 17.99 -11.01 28.58
CA THR B 79 18.96 -11.42 27.58
C THR B 79 18.18 -11.91 26.38
N LEU B 80 18.33 -11.19 25.25
CA LEU B 80 17.65 -11.54 23.99
C LEU B 80 16.11 -11.65 24.12
N ASN B 81 15.53 -10.68 24.82
CA ASN B 81 14.10 -10.66 25.06
C ASN B 81 13.31 -10.66 23.74
N LEU B 82 13.77 -9.89 22.76
CA LEU B 82 13.01 -9.81 21.49
C LEU B 82 12.92 -11.16 20.75
N HIS B 83 14.03 -11.90 20.70
CA HIS B 83 14.09 -13.21 20.07
C HIS B 83 13.12 -14.12 20.81
N LYS B 84 13.20 -14.08 22.16
CA LYS B 84 12.38 -14.97 22.98
C LYS B 84 10.89 -14.62 22.86
N ALA B 85 10.58 -13.32 22.77
CA ALA B 85 9.19 -12.90 22.67
C ALA B 85 8.57 -13.25 21.33
N VAL B 86 9.34 -13.13 20.24
CA VAL B 86 8.83 -13.53 18.94
C VAL B 86 8.61 -15.04 18.95
N TYR B 87 9.58 -15.79 19.43
CA TYR B 87 9.42 -17.23 19.58
C TYR B 87 8.15 -17.57 20.43
N ASN B 88 8.00 -16.94 21.60
CA ASN B 88 6.85 -17.23 22.47
C ASN B 88 5.51 -16.98 21.74
N HIS B 89 5.41 -15.82 21.10
CA HIS B 89 4.19 -15.50 20.35
C HIS B 89 3.86 -16.55 19.30
N MET B 90 4.88 -17.00 18.56
CA MET B 90 4.63 -17.94 17.46
C MET B 90 4.23 -19.33 17.96
N ILE B 91 4.92 -19.82 19.00
CA ILE B 91 4.60 -21.13 19.59
C ILE B 91 3.18 -21.17 20.21
N ARG B 92 2.85 -20.13 20.96
CA ARG B 92 1.54 -19.98 21.58
C ARG B 92 0.41 -19.88 20.55
N ASN B 93 0.58 -18.98 19.57
CA ASN B 93 -0.50 -18.71 18.61
C ASN B 93 -0.60 -19.62 17.40
N TYR B 94 0.48 -20.30 17.02
CA TYR B 94 0.46 -21.11 15.78
C TYR B 94 0.97 -22.53 15.93
N ASN B 95 1.42 -22.90 17.11
CA ASN B 95 1.81 -24.28 17.33
C ASN B 95 1.20 -24.88 18.60
N HIS B 96 0.04 -24.32 18.98
CA HIS B 96 -0.76 -24.78 20.12
C HIS B 96 0.07 -24.94 21.39
N GLY B 97 1.08 -24.08 21.55
CA GLY B 97 1.90 -24.08 22.74
C GLY B 97 2.96 -25.17 22.79
N LYS B 98 3.12 -25.92 21.69
CA LYS B 98 4.10 -27.01 21.63
C LYS B 98 5.43 -26.40 21.18
N PRO B 99 6.52 -26.58 21.98
CA PRO B 99 7.80 -26.00 21.55
C PRO B 99 8.30 -26.56 20.22
N ILE B 100 9.10 -25.75 19.51
CA ILE B 100 9.77 -26.19 18.29
C ILE B 100 11.28 -26.08 18.53
N ALA B 101 11.99 -27.18 18.29
CA ALA B 101 13.46 -27.19 18.35
C ALA B 101 14.04 -26.42 17.15
N LEU B 102 14.63 -25.27 17.42
CA LEU B 102 15.15 -24.42 16.34
C LEU B 102 16.20 -23.48 16.88
N GLU B 103 17.01 -22.92 15.97
CA GLU B 103 17.87 -21.85 16.30
C GLU B 103 17.43 -20.62 15.50
N LEU B 104 17.14 -19.53 16.22
CA LEU B 104 16.79 -18.22 15.65
C LEU B 104 17.96 -17.26 15.81
N SER B 105 18.55 -16.86 14.67
CA SER B 105 19.71 -15.97 14.67
CA SER B 105 19.73 -15.99 14.64
C SER B 105 19.43 -14.70 13.90
N THR B 106 20.08 -13.62 14.30
CA THR B 106 19.93 -12.35 13.58
C THR B 106 21.31 -11.74 13.33
N PHE B 107 21.39 -10.90 12.30
CA PHE B 107 22.55 -10.05 12.11
C PHE B 107 22.09 -8.84 11.33
N CYS B 108 22.94 -7.82 11.22
CA CYS B 108 22.47 -6.58 10.59
C CYS B 108 23.59 -5.79 9.91
N ASP B 109 23.25 -5.11 8.82
CA ASP B 109 24.20 -4.29 8.06
C ASP B 109 24.55 -2.98 8.78
N ALA B 110 23.88 -2.68 9.89
CA ALA B 110 24.24 -1.50 10.67
C ALA B 110 24.14 -1.82 12.15
N PRO B 111 25.03 -1.27 12.96
CA PRO B 111 24.92 -1.54 14.40
C PRO B 111 23.85 -0.71 15.08
N ALA B 112 23.54 -1.06 16.33
CA ALA B 112 22.59 -0.30 17.15
C ALA B 112 23.03 1.17 17.25
N GLY B 113 22.06 2.07 17.29
CA GLY B 113 22.31 3.50 17.37
C GLY B 113 22.71 4.17 16.06
N SER B 114 22.44 3.50 14.94
CA SER B 114 22.83 4.06 13.64
C SER B 114 21.84 5.06 13.06
N GLY B 115 20.66 5.16 13.67
CA GLY B 115 19.63 6.06 13.15
C GLY B 115 18.92 5.52 11.91
N LEU B 116 18.99 4.20 11.69
CA LEU B 116 18.44 3.57 10.49
C LEU B 116 17.26 2.62 10.80
N GLY B 117 16.74 2.68 12.03
CA GLY B 117 15.59 1.88 12.45
C GLY B 117 15.90 0.42 12.66
N SER B 118 17.18 0.10 12.92
CA SER B 118 17.54 -1.31 13.01
C SER B 118 16.81 -2.07 14.12
N SER B 119 16.60 -1.45 15.29
CA SER B 119 16.00 -2.26 16.36
C SER B 119 14.69 -2.92 15.97
N SER B 120 13.77 -2.11 15.45
CA SER B 120 12.46 -2.62 15.04
C SER B 120 12.53 -3.44 13.75
N THR B 121 13.43 -3.07 12.86
CA THR B 121 13.61 -3.85 11.62
C THR B 121 14.00 -5.29 11.97
N LEU B 122 14.86 -5.45 12.99
CA LEU B 122 15.21 -6.80 13.46
C LEU B 122 14.01 -7.61 13.96
N VAL B 123 13.06 -6.96 14.64
CA VAL B 123 11.85 -7.69 15.10
C VAL B 123 11.00 -8.14 13.90
N VAL B 124 10.84 -7.24 12.91
CA VAL B 124 10.11 -7.56 11.67
C VAL B 124 10.71 -8.77 10.97
N VAL B 125 12.04 -8.76 10.82
CA VAL B 125 12.67 -9.83 10.11
C VAL B 125 12.57 -11.17 10.85
N MET B 126 12.64 -11.14 12.18
CA MET B 126 12.40 -12.40 12.93
C MET B 126 10.98 -12.91 12.69
N ILE B 127 10.03 -11.99 12.68
CA ILE B 127 8.64 -12.37 12.42
C ILE B 127 8.51 -12.94 11.01
N LYS B 128 9.08 -12.25 10.02
CA LYS B 128 9.00 -12.74 8.63
C LYS B 128 9.59 -14.15 8.48
N ALA B 129 10.71 -14.45 9.17
CA ALA B 129 11.28 -15.82 9.11
C ALA B 129 10.26 -16.84 9.61
N PHE B 130 9.54 -16.53 10.69
CA PHE B 130 8.50 -17.43 11.19
C PHE B 130 7.29 -17.53 10.27
N VAL B 131 6.95 -16.42 9.62
CA VAL B 131 5.88 -16.44 8.60
C VAL B 131 6.21 -17.47 7.51
N GLU B 132 7.46 -17.45 7.05
CA GLU B 132 7.95 -18.43 6.08
C GLU B 132 8.00 -19.86 6.64
N LEU B 133 8.49 -20.02 7.87
CA LEU B 133 8.61 -21.36 8.47
C LEU B 133 7.25 -22.02 8.62
N LEU B 134 6.29 -21.27 9.13
CA LEU B 134 5.00 -21.83 9.51
C LEU B 134 3.92 -21.57 8.46
N ASN B 135 4.30 -20.97 7.33
CA ASN B 135 3.33 -20.60 6.26
C ASN B 135 2.12 -19.82 6.80
N LEU B 136 2.38 -18.68 7.44
CA LEU B 136 1.31 -17.90 8.08
C LEU B 136 0.75 -16.89 7.09
N PRO B 137 -0.59 -16.70 7.09
CA PRO B 137 -1.19 -15.71 6.16
C PRO B 137 -1.17 -14.27 6.73
N LEU B 138 -0.08 -13.85 7.36
CA LEU B 138 -0.01 -12.49 7.93
C LEU B 138 0.27 -11.45 6.84
N ASP B 139 -0.60 -10.46 6.69
CA ASP B 139 -0.37 -9.40 5.71
C ASP B 139 0.55 -8.35 6.31
N ASP B 140 0.87 -7.33 5.52
CA ASP B 140 1.87 -6.34 5.92
C ASP B 140 1.48 -5.51 7.13
N TYR B 141 0.24 -5.03 7.13
CA TYR B 141 -0.27 -4.35 8.32
C TYR B 141 -0.16 -5.23 9.57
N ALA B 142 -0.47 -6.51 9.44
CA ALA B 142 -0.45 -7.44 10.59
C ALA B 142 0.97 -7.72 11.05
N ILE B 143 1.92 -7.89 10.11
CA ILE B 143 3.33 -8.08 10.53
C ILE B 143 3.85 -6.82 11.28
N ALA B 144 3.59 -5.64 10.73
CA ALA B 144 4.06 -4.39 11.34
C ALA B 144 3.42 -4.17 12.71
N GLN B 145 2.10 -4.43 12.82
CA GLN B 145 1.41 -4.31 14.11
CA GLN B 145 1.35 -4.35 14.08
C GLN B 145 1.94 -5.32 15.13
N LEU B 146 2.19 -6.55 14.70
CA LEU B 146 2.73 -7.56 15.60
C LEU B 146 4.11 -7.18 16.11
N ALA B 147 4.96 -6.69 15.20
CA ALA B 147 6.28 -6.24 15.58
C ALA B 147 6.18 -5.15 16.64
N TYR B 148 5.27 -4.21 16.44
CA TYR B 148 5.08 -3.12 17.37
C TYR B 148 4.69 -3.67 18.77
N ARG B 149 3.73 -4.59 18.78
CA ARG B 149 3.26 -5.13 20.04
CA ARG B 149 3.23 -5.19 20.01
C ARG B 149 4.33 -5.95 20.74
N ILE B 150 5.08 -6.76 20.00
CA ILE B 150 6.14 -7.56 20.58
C ILE B 150 7.16 -6.67 21.26
N GLU B 151 7.58 -5.60 20.59
CA GLU B 151 8.65 -4.78 21.11
C GLU B 151 8.15 -3.89 22.27
N ARG B 152 6.99 -3.27 22.09
CA ARG B 152 6.55 -2.20 23.01
C ARG B 152 5.68 -2.70 24.15
N VAL B 153 4.95 -3.79 23.93
CA VAL B 153 4.07 -4.33 24.97
C VAL B 153 4.72 -5.57 25.61
N ASP B 154 4.91 -6.64 24.86
CA ASP B 154 5.54 -7.85 25.42
C ASP B 154 6.89 -7.55 26.08
N CYS B 155 7.71 -6.72 25.43
CA CYS B 155 9.09 -6.48 25.87
C CYS B 155 9.19 -5.16 26.61
N GLY B 156 8.08 -4.40 26.64
CA GLY B 156 8.00 -3.16 27.37
C GLY B 156 9.02 -2.11 26.99
N LEU B 157 9.46 -2.13 25.73
CA LEU B 157 10.44 -1.16 25.27
C LEU B 157 9.77 0.04 24.62
N ALA B 158 10.01 1.23 25.16
CA ALA B 158 9.43 2.49 24.64
C ALA B 158 10.05 2.87 23.30
N GLY B 159 9.29 3.51 22.43
CA GLY B 159 9.88 3.96 21.17
C GLY B 159 8.86 4.49 20.20
N GLY B 160 9.27 4.57 18.93
CA GLY B 160 8.42 5.08 17.86
C GLY B 160 7.55 4.02 17.21
N ARG B 161 6.90 4.44 16.11
CA ARG B 161 5.96 3.60 15.39
C ARG B 161 6.26 3.49 13.89
N GLN B 162 7.28 4.19 13.39
CA GLN B 162 7.52 4.25 11.93
C GLN B 162 8.33 3.08 11.41
N ASP B 163 9.29 2.59 12.21
CA ASP B 163 10.28 1.63 11.73
C ASP B 163 9.67 0.29 11.39
N GLN B 164 8.61 -0.10 12.09
CA GLN B 164 8.02 -1.41 11.86
C GLN B 164 7.44 -1.43 10.44
N TYR B 165 6.88 -0.29 10.05
CA TYR B 165 6.18 -0.15 8.78
C TYR B 165 7.13 -0.02 7.58
N SER B 166 8.21 0.75 7.73
CA SER B 166 9.24 0.81 6.67
C SER B 166 9.83 -0.57 6.43
N ALA B 167 10.16 -1.29 7.51
CA ALA B 167 10.85 -2.60 7.36
C ALA B 167 9.94 -3.62 6.66
N THR B 168 8.64 -3.54 6.98
CA THR B 168 7.65 -4.47 6.42
C THR B 168 7.28 -4.11 4.98
N PHE B 169 6.85 -2.85 4.78
CA PHE B 169 6.30 -2.42 3.48
C PHE B 169 7.38 -2.16 2.43
N GLY B 170 8.48 -1.51 2.84
CA GLY B 170 9.49 -1.05 1.89
C GLY B 170 9.11 0.16 1.05
N GLY B 171 10.11 0.77 0.41
CA GLY B 171 9.92 1.88 -0.54
C GLY B 171 9.80 3.21 0.18
N PHE B 172 9.18 4.19 -0.50
CA PHE B 172 8.97 5.54 0.05
C PHE B 172 7.56 5.56 0.56
N ASN B 173 7.40 5.88 1.85
CA ASN B 173 6.10 5.87 2.48
C ASN B 173 5.87 7.15 3.26
N PHE B 174 4.63 7.62 3.22
CA PHE B 174 4.14 8.70 4.10
C PHE B 174 3.18 8.00 5.04
N MET B 175 3.48 8.09 6.33
CA MET B 175 2.69 7.40 7.32
CA MET B 175 2.72 7.40 7.38
C MET B 175 1.93 8.37 8.21
N GLU B 176 0.68 8.00 8.52
CA GLU B 176 -0.18 8.79 9.41
C GLU B 176 -0.44 7.95 10.66
N PHE B 177 -0.16 8.53 11.81
CA PHE B 177 -0.26 7.81 13.07
C PHE B 177 -1.35 8.48 13.89
N TYR B 178 -2.34 7.68 14.28
CA TYR B 178 -3.44 8.14 15.12
C TYR B 178 -3.50 7.33 16.40
N GLU B 179 -4.44 7.72 17.27
CA GLU B 179 -4.70 7.07 18.56
CA GLU B 179 -4.66 7.06 18.56
C GLU B 179 -5.12 5.62 18.40
N GLU B 180 -4.97 4.83 19.46
CA GLU B 180 -5.30 3.40 19.48
C GLU B 180 -4.67 2.56 18.34
N GLU B 181 -3.37 2.78 18.14
CA GLU B 181 -2.56 1.98 17.23
CA GLU B 181 -2.55 1.99 17.23
C GLU B 181 -3.01 2.04 15.76
N ARG B 182 -3.77 3.06 15.41
CA ARG B 182 -4.22 3.20 14.05
C ARG B 182 -3.19 3.94 13.16
N THR B 183 -2.69 3.22 12.16
CA THR B 183 -1.65 3.73 11.25
C THR B 183 -2.12 3.57 9.82
N ILE B 184 -1.94 4.63 9.02
CA ILE B 184 -2.19 4.53 7.58
C ILE B 184 -0.84 4.67 6.86
N VAL B 185 -0.46 3.64 6.08
CA VAL B 185 0.73 3.73 5.24
C VAL B 185 0.31 4.21 3.83
N ASN B 186 0.95 5.27 3.35
CA ASN B 186 0.72 5.79 1.99
C ASN B 186 1.98 5.57 1.16
N PRO B 187 2.05 4.45 0.39
CA PRO B 187 3.19 4.27 -0.49
C PRO B 187 3.21 5.35 -1.54
N LEU B 188 4.34 6.03 -1.68
CA LEU B 188 4.41 7.18 -2.58
C LEU B 188 4.90 6.72 -3.94
N ARG B 189 4.14 7.08 -4.97
CA ARG B 189 4.43 6.75 -6.37
CA ARG B 189 4.56 6.70 -6.30
C ARG B 189 5.32 7.85 -6.93
N ILE B 190 6.61 7.86 -6.57
CA ILE B 190 7.48 8.92 -7.01
C ILE B 190 7.98 8.67 -8.45
N LYS B 191 7.99 9.70 -9.28
CA LYS B 191 8.47 9.55 -10.66
C LYS B 191 9.94 9.09 -10.71
N ASN B 192 10.27 8.27 -11.71
CA ASN B 192 11.63 7.78 -11.90
CA ASN B 192 11.64 7.77 -11.85
C ASN B 192 12.69 8.89 -11.89
N TRP B 193 12.43 9.99 -12.60
CA TRP B 193 13.43 11.04 -12.65
C TRP B 193 13.64 11.70 -11.27
N VAL B 194 12.59 11.74 -10.47
CA VAL B 194 12.68 12.32 -9.12
C VAL B 194 13.53 11.45 -8.20
N LEU B 195 13.32 10.12 -8.28
CA LEU B 195 14.13 9.18 -7.53
CA LEU B 195 14.13 9.16 -7.56
C LEU B 195 15.61 9.25 -7.93
N CYS B 196 15.90 9.27 -9.24
CA CYS B 196 17.28 9.37 -9.70
C CYS B 196 17.87 10.72 -9.28
N GLU B 197 17.12 11.79 -9.47
CA GLU B 197 17.62 13.13 -9.03
C GLU B 197 17.91 13.19 -7.52
N LEU B 198 16.99 12.64 -6.71
CA LEU B 198 17.20 12.56 -5.26
C LEU B 198 18.46 11.77 -4.89
N GLU B 199 18.64 10.57 -5.45
CA GLU B 199 19.86 9.79 -5.18
C GLU B 199 21.12 10.54 -5.62
N ALA B 200 21.03 11.26 -6.74
CA ALA B 200 22.17 12.02 -7.25
C ALA B 200 22.53 13.20 -6.33
N SER B 201 21.58 13.63 -5.48
CA SER B 201 21.73 14.79 -4.63
C SER B 201 21.88 14.46 -3.15
N LEU B 202 21.83 13.18 -2.79
CA LEU B 202 22.00 12.82 -1.39
C LEU B 202 23.38 12.23 -1.07
N VAL B 203 23.96 12.68 0.04
CA VAL B 203 25.19 12.09 0.58
C VAL B 203 24.93 11.66 2.03
N LEU B 204 25.28 10.42 2.37
CA LEU B 204 25.09 9.89 3.72
C LEU B 204 26.40 9.99 4.50
N PHE B 205 26.30 10.25 5.80
CA PHE B 205 27.51 10.36 6.61
C PHE B 205 27.28 9.71 7.97
N TYR B 206 28.02 8.66 8.26
CA TYR B 206 27.87 7.96 9.52
C TYR B 206 28.76 8.63 10.53
N THR B 207 28.18 9.19 11.57
CA THR B 207 28.92 9.99 12.55
C THR B 207 29.38 9.19 13.76
N GLY B 208 28.90 7.95 13.89
CA GLY B 208 29.13 7.15 15.09
C GLY B 208 27.83 6.73 15.74
N VAL B 209 27.95 5.92 16.78
CA VAL B 209 26.81 5.33 17.52
C VAL B 209 26.05 6.40 18.31
N SER B 210 24.75 6.55 18.09
CA SER B 210 23.98 7.45 18.96
C SER B 210 23.57 6.74 20.24
N ARG B 211 23.76 7.40 21.37
CA ARG B 211 23.29 6.86 22.64
CA ARG B 211 23.28 6.86 22.63
C ARG B 211 22.15 7.73 23.20
N GLU B 212 21.61 8.60 22.35
CA GLU B 212 20.55 9.52 22.77
C GLU B 212 19.10 9.15 22.44
N SER B 213 18.88 8.09 21.66
CA SER B 213 17.54 7.76 21.17
CA SER B 213 17.54 7.79 21.16
C SER B 213 16.48 7.68 22.27
N ALA B 214 16.76 6.84 23.29
CA ALA B 214 15.82 6.63 24.40
C ALA B 214 15.52 7.95 25.13
N LYS B 215 16.56 8.76 25.35
CA LYS B 215 16.43 10.08 25.97
C LYS B 215 15.61 11.07 25.14
N ILE B 216 15.91 11.18 23.84
CA ILE B 216 15.19 12.10 22.98
C ILE B 216 13.70 11.76 22.94
N ILE B 217 13.40 10.46 22.81
CA ILE B 217 12.02 9.99 22.70
C ILE B 217 11.30 10.25 24.03
N GLN B 218 11.99 10.03 25.15
CA GLN B 218 11.45 10.37 26.48
C GLN B 218 11.14 11.87 26.61
N ASP B 219 12.08 12.71 26.19
CA ASP B 219 11.86 14.17 26.19
C ASP B 219 10.70 14.62 25.32
N GLN B 220 10.58 14.03 24.13
CA GLN B 220 9.51 14.41 23.21
C GLN B 220 8.16 14.00 23.78
N SER B 221 8.13 12.83 24.41
CA SER B 221 6.92 12.36 25.07
CA SER B 221 6.93 12.34 25.09
C SER B 221 6.56 13.29 26.24
N ASP B 222 7.56 13.66 27.05
CA ASP B 222 7.37 14.60 28.17
CA ASP B 222 7.34 14.58 28.18
C ASP B 222 6.86 15.96 27.71
N ASN B 223 7.31 16.41 26.53
CA ASN B 223 6.85 17.69 25.99
C ASN B 223 5.34 17.77 25.99
N VAL B 224 4.70 16.70 25.51
CA VAL B 224 3.25 16.65 25.37
C VAL B 224 2.60 16.46 26.75
N VAL B 225 3.08 15.47 27.50
CA VAL B 225 2.51 15.14 28.80
C VAL B 225 2.59 16.32 29.77
N SER B 226 3.73 17.03 29.80
CA SER B 226 3.96 18.15 30.73
C SER B 226 3.61 19.51 30.16
N HIS B 227 2.96 19.51 29.00
CA HIS B 227 2.51 20.76 28.34
C HIS B 227 3.61 21.81 28.16
N LYS B 228 4.76 21.37 27.64
CA LYS B 228 5.86 22.28 27.31
CA LYS B 228 5.86 22.28 27.32
C LYS B 228 5.57 22.97 25.98
N THR B 229 4.92 24.14 26.07
CA THR B 229 4.36 24.86 24.93
C THR B 229 5.26 25.05 23.71
N ALA B 230 6.45 25.62 23.92
CA ALA B 230 7.34 25.89 22.79
C ALA B 230 7.84 24.61 22.15
N ALA B 231 8.13 23.60 22.97
CA ALA B 231 8.63 22.33 22.46
C ALA B 231 7.54 21.57 21.68
N ILE B 232 6.29 21.68 22.16
CA ILE B 232 5.15 21.10 21.44
C ILE B 232 4.97 21.78 20.08
N GLU B 233 5.11 23.10 20.05
CA GLU B 233 5.03 23.85 18.80
C GLU B 233 6.15 23.44 17.80
N ALA B 234 7.35 23.15 18.32
CA ALA B 234 8.44 22.64 17.48
C ALA B 234 8.01 21.29 16.84
N MET B 235 7.41 20.43 17.64
CA MET B 235 6.86 19.17 17.15
C MET B 235 5.74 19.36 16.12
N HIS B 236 4.88 20.37 16.31
CA HIS B 236 3.87 20.72 15.30
C HIS B 236 4.52 21.13 13.99
N GLY B 237 5.67 21.78 14.09
CA GLY B 237 6.44 22.18 12.90
C GLY B 237 7.07 20.94 12.24
N ILE B 238 7.56 19.99 13.03
CA ILE B 238 8.07 18.71 12.48
C ILE B 238 6.95 18.08 11.61
N LYS B 239 5.77 17.98 12.18
CA LYS B 239 4.61 17.43 11.49
C LYS B 239 4.29 18.16 10.18
N ARG B 240 4.17 19.49 10.23
CA ARG B 240 3.83 20.29 9.04
CA ARG B 240 3.82 20.28 9.04
C ARG B 240 4.82 20.07 7.91
N GLU B 241 6.10 20.05 8.24
CA GLU B 241 7.14 19.93 7.22
C GLU B 241 7.23 18.53 6.61
N ALA B 242 6.81 17.49 7.36
CA ALA B 242 6.74 16.14 6.77
C ALA B 242 5.73 16.14 5.62
N LEU B 243 4.60 16.82 5.83
CA LEU B 243 3.60 16.92 4.75
C LEU B 243 4.09 17.75 3.55
N VAL B 244 4.76 18.87 3.83
CA VAL B 244 5.31 19.72 2.76
C VAL B 244 6.33 18.93 1.96
N MET B 245 7.19 18.17 2.64
CA MET B 245 8.21 17.36 1.97
C MET B 245 7.57 16.24 1.14
N LYS B 246 6.55 15.59 1.70
CA LYS B 246 5.80 14.56 0.94
C LYS B 246 5.26 15.16 -0.37
N GLU B 247 4.57 16.30 -0.27
CA GLU B 247 4.05 17.00 -1.45
C GLU B 247 5.15 17.42 -2.41
N ALA B 248 6.28 17.92 -1.89
CA ALA B 248 7.40 18.30 -2.76
C ALA B 248 7.89 17.12 -3.62
N LEU B 249 7.99 15.93 -3.03
CA LEU B 249 8.42 14.74 -3.76
C LEU B 249 7.43 14.29 -4.85
N LEU B 250 6.14 14.27 -4.52
CA LEU B 250 5.10 13.96 -5.51
C LEU B 250 5.08 14.96 -6.65
N LYS B 251 5.42 16.21 -6.35
CA LYS B 251 5.42 17.25 -7.38
C LYS B 251 6.77 17.41 -8.08
N GLY B 252 7.78 16.66 -7.63
CA GLY B 252 9.13 16.85 -8.19
C GLY B 252 9.65 18.28 -7.99
N ASP B 253 9.44 18.82 -6.79
CA ASP B 253 9.78 20.21 -6.49
C ASP B 253 10.96 20.24 -5.49
N PHE B 254 12.17 20.20 -6.02
CA PHE B 254 13.37 20.11 -5.16
C PHE B 254 13.65 21.36 -4.30
N LYS B 255 13.26 22.52 -4.81
CA LYS B 255 13.36 23.76 -4.03
CA LYS B 255 13.34 23.76 -4.03
C LYS B 255 12.54 23.66 -2.75
N ALA B 256 11.28 23.21 -2.86
CA ALA B 256 10.42 23.03 -1.68
C ALA B 256 10.92 21.91 -0.78
N PHE B 257 11.51 20.87 -1.38
CA PHE B 257 12.07 19.75 -0.62
C PHE B 257 13.17 20.23 0.35
N VAL B 258 14.17 20.92 -0.19
CA VAL B 258 15.27 21.41 0.64
CA VAL B 258 15.29 21.48 0.57
C VAL B 258 14.81 22.50 1.64
N ALA B 259 13.89 23.39 1.23
CA ALA B 259 13.34 24.39 2.20
C ALA B 259 12.69 23.67 3.36
N SER B 260 11.97 22.57 3.06
CA SER B 260 11.26 21.83 4.10
CA SER B 260 11.26 21.85 4.10
C SER B 260 12.21 21.06 5.00
N MET B 261 13.34 20.57 4.45
CA MET B 261 14.31 19.83 5.27
C MET B 261 14.99 20.80 6.27
N ARG B 262 15.29 22.01 5.82
CA ARG B 262 15.92 23.04 6.66
C ARG B 262 15.01 23.44 7.84
N LEU B 263 13.75 23.74 7.53
CA LEU B 263 12.78 24.08 8.57
C LEU B 263 12.53 22.91 9.49
N GLY B 264 12.42 21.72 8.90
CA GLY B 264 12.23 20.49 9.70
C GLY B 264 13.42 20.16 10.60
N TRP B 265 14.64 20.43 10.14
CA TRP B 265 15.83 20.18 10.99
C TRP B 265 15.86 21.12 12.20
N ASP B 266 15.51 22.40 11.98
CA ASP B 266 15.42 23.35 13.09
CA ASP B 266 15.39 23.39 13.07
C ASP B 266 14.39 22.90 14.13
N ASN B 267 13.18 22.54 13.67
CA ASN B 267 12.10 22.01 14.53
C ASN B 267 12.52 20.78 15.32
N LYS B 268 13.18 19.83 14.64
CA LYS B 268 13.62 18.60 15.30
C LYS B 268 14.61 18.94 16.43
N LYS B 269 15.58 19.80 16.15
CA LYS B 269 16.56 20.24 17.19
C LYS B 269 15.87 20.94 18.37
N ASN B 270 14.83 21.70 18.08
CA ASN B 270 14.07 22.44 19.11
C ASN B 270 13.15 21.58 19.98
N SER B 271 12.80 20.38 19.49
CA SER B 271 11.90 19.47 20.18
C SER B 271 12.51 18.69 21.35
N ALA B 272 13.83 18.50 21.34
CA ALA B 272 14.53 17.75 22.39
C ALA B 272 15.99 18.17 22.43
N ARG B 273 16.51 18.31 23.65
CA ARG B 273 17.82 18.94 23.86
C ARG B 273 18.97 18.18 23.18
N THR B 274 18.94 16.84 23.20
CA THR B 274 20.08 16.06 22.72
C THR B 274 19.97 15.58 21.25
N VAL B 275 18.98 16.08 20.52
CA VAL B 275 18.81 15.79 19.08
C VAL B 275 20.08 16.15 18.34
N SER B 276 20.58 17.36 18.58
CA SER B 276 21.90 17.70 18.05
C SER B 276 22.87 18.03 19.20
N ASN B 277 24.14 18.24 18.87
CA ASN B 277 25.18 18.67 19.81
C ASN B 277 26.23 19.45 19.03
N ALA B 278 27.26 19.93 19.71
CA ALA B 278 28.26 20.78 19.03
C ALA B 278 29.02 20.01 17.95
N HIS B 279 29.30 18.73 18.21
CA HIS B 279 29.99 17.89 17.24
C HIS B 279 29.17 17.72 15.93
N ILE B 280 27.89 17.32 16.06
CA ILE B 280 26.99 17.20 14.91
C ILE B 280 26.85 18.54 14.21
N ASP B 281 26.72 19.60 15.00
CA ASP B 281 26.59 20.94 14.45
C ASP B 281 27.84 21.39 13.70
N GLU B 282 29.01 20.91 14.12
CA GLU B 282 30.25 21.22 13.41
C GLU B 282 30.21 20.57 12.01
N ILE B 283 29.93 19.26 11.97
CA ILE B 283 29.71 18.54 10.71
C ILE B 283 28.65 19.24 9.84
N TYR B 284 27.48 19.54 10.40
CA TYR B 284 26.44 20.18 9.62
C TYR B 284 26.94 21.49 9.00
N ASP B 285 27.60 22.31 9.81
CA ASP B 285 28.09 23.61 9.34
C ASP B 285 29.10 23.44 8.24
N ALA B 286 30.00 22.48 8.41
CA ALA B 286 31.02 22.21 7.38
C ALA B 286 30.40 21.74 6.07
N ALA B 287 29.38 20.87 6.14
CA ALA B 287 28.69 20.39 4.95
C ALA B 287 28.06 21.57 4.19
N ILE B 288 27.39 22.44 4.93
CA ILE B 288 26.72 23.63 4.35
C ILE B 288 27.76 24.52 3.66
N ARG B 289 28.91 24.71 4.33
CA ARG B 289 30.04 25.47 3.79
CA ARG B 289 29.97 25.51 3.74
C ARG B 289 30.53 24.90 2.45
N ALA B 290 30.59 23.57 2.37
CA ALA B 290 31.06 22.86 1.18
C ALA B 290 30.07 22.89 0.02
N GLY B 291 28.83 23.32 0.29
CA GLY B 291 27.78 23.45 -0.73
C GLY B 291 26.47 22.67 -0.52
N ALA B 292 26.44 21.77 0.47
CA ALA B 292 25.16 21.15 0.84
C ALA B 292 24.09 22.24 1.10
N GLN B 293 22.85 21.97 0.65
CA GLN B 293 21.73 22.91 0.82
C GLN B 293 20.89 22.61 2.06
N ALA B 294 20.89 21.37 2.53
CA ALA B 294 20.14 20.99 3.71
C ALA B 294 20.71 19.70 4.26
N GLY B 295 20.32 19.37 5.49
CA GLY B 295 20.62 18.06 6.00
C GLY B 295 19.98 17.83 7.34
N LYS B 296 20.19 16.63 7.87
CA LYS B 296 19.58 16.24 9.16
CA LYS B 296 19.55 16.21 9.12
C LYS B 296 20.22 14.95 9.65
N VAL B 297 19.98 14.66 10.92
CA VAL B 297 20.29 13.35 11.46
CA VAL B 297 20.30 13.33 11.43
C VAL B 297 19.12 12.44 11.10
N SER B 298 19.40 11.22 10.65
CA SER B 298 18.32 10.33 10.19
C SER B 298 17.36 9.83 11.25
N GLY B 299 17.83 9.33 12.38
CA GLY B 299 16.82 8.80 13.34
C GLY B 299 16.34 9.82 14.38
N ALA B 300 16.19 9.37 15.62
CA ALA B 300 15.77 10.28 16.72
C ALA B 300 16.75 11.44 16.88
N GLY B 301 18.05 11.13 16.76
CA GLY B 301 19.09 12.15 16.79
C GLY B 301 20.23 11.76 17.70
N GLY B 302 21.16 12.70 17.90
CA GLY B 302 22.29 12.50 18.82
C GLY B 302 23.50 11.75 18.28
N GLY B 303 23.49 11.43 16.99
CA GLY B 303 24.54 10.62 16.38
C GLY B 303 23.91 9.72 15.33
N GLY B 304 24.62 8.68 14.91
CA GLY B 304 24.15 7.81 13.82
C GLY B 304 24.34 8.46 12.47
N PHE B 305 23.58 8.00 11.46
CA PHE B 305 23.67 8.57 10.11
C PHE B 305 23.11 9.97 9.97
N MET B 306 23.86 10.82 9.27
CA MET B 306 23.34 12.09 8.79
C MET B 306 23.10 11.97 7.28
N LEU B 307 22.20 12.78 6.74
CA LEU B 307 22.01 12.82 5.28
C LEU B 307 22.04 14.29 4.87
N PHE B 308 22.66 14.54 3.71
CA PHE B 308 22.80 15.88 3.17
C PHE B 308 22.24 15.96 1.78
N PHE B 309 21.50 17.04 1.50
CA PHE B 309 21.11 17.36 0.13
C PHE B 309 22.10 18.36 -0.46
N VAL B 310 22.70 17.98 -1.59
CA VAL B 310 23.74 18.77 -2.25
C VAL B 310 23.50 18.85 -3.77
N PRO B 311 23.61 20.05 -4.35
CA PRO B 311 23.46 20.07 -5.80
C PRO B 311 24.61 19.32 -6.45
N THR B 312 24.35 18.73 -7.62
CA THR B 312 25.32 17.82 -8.23
C THR B 312 26.69 18.48 -8.49
N GLU B 313 26.70 19.78 -8.83
CA GLU B 313 27.97 20.46 -9.07
CA GLU B 313 27.94 20.56 -9.04
C GLU B 313 28.84 20.67 -7.81
N LYS B 314 28.30 20.41 -6.62
CA LYS B 314 29.09 20.50 -5.39
CA LYS B 314 29.01 20.53 -5.35
C LYS B 314 29.21 19.19 -4.63
N ARG B 315 28.73 18.11 -5.24
CA ARG B 315 28.69 16.82 -4.60
C ARG B 315 30.08 16.29 -4.21
N MET B 316 30.98 16.26 -5.18
CA MET B 316 32.35 15.82 -4.88
C MET B 316 33.05 16.69 -3.81
N ASP B 317 32.82 18.00 -3.86
CA ASP B 317 33.34 18.91 -2.82
C ASP B 317 32.85 18.54 -1.43
N LEU B 318 31.54 18.35 -1.31
CA LEU B 318 30.97 17.88 -0.05
C LEU B 318 31.59 16.52 0.36
N ILE B 319 31.71 15.59 -0.57
CA ILE B 319 32.29 14.28 -0.27
C ILE B 319 33.73 14.42 0.26
N ARG B 320 34.52 15.28 -0.39
CA ARG B 320 35.89 15.56 0.03
CA ARG B 320 35.90 15.55 0.05
C ARG B 320 35.94 16.12 1.47
N THR B 321 35.13 17.15 1.73
CA THR B 321 35.04 17.80 3.04
C THR B 321 34.68 16.87 4.19
N LEU B 322 33.68 16.01 3.97
CA LEU B 322 33.25 15.10 5.01
C LEU B 322 34.37 14.12 5.38
N GLY B 323 35.21 13.79 4.40
CA GLY B 323 36.43 13.02 4.63
C GLY B 323 37.34 13.59 5.72
N GLU B 324 37.29 14.90 5.93
CA GLU B 324 38.07 15.61 6.96
CA GLU B 324 38.11 15.53 6.96
C GLU B 324 37.53 15.38 8.38
N TYR B 325 36.33 14.83 8.49
CA TYR B 325 35.70 14.64 9.81
C TYR B 325 35.63 13.18 10.17
N ASP B 326 35.36 12.91 11.44
CA ASP B 326 35.27 11.55 11.94
C ASP B 326 33.93 10.95 11.48
N GLY B 327 34.00 9.83 10.77
CA GLY B 327 32.80 9.21 10.21
C GLY B 327 33.06 8.64 8.83
N GLN B 328 32.05 8.00 8.24
CA GLN B 328 32.20 7.32 6.96
CA GLN B 328 32.22 7.35 6.93
C GLN B 328 31.14 7.83 5.97
N VAL B 329 31.59 8.30 4.80
CA VAL B 329 30.72 8.81 3.74
C VAL B 329 30.18 7.66 2.90
N SER B 330 28.92 7.76 2.47
CA SER B 330 28.42 6.81 1.47
CA SER B 330 28.33 6.77 1.56
C SER B 330 27.38 7.45 0.56
N ASN B 331 27.12 6.80 -0.59
CA ASN B 331 26.05 7.29 -1.46
C ASN B 331 24.73 6.78 -0.86
N CYS B 332 23.63 7.18 -1.49
CA CYS B 332 22.32 6.81 -1.01
C CYS B 332 21.61 6.06 -2.10
N HIS B 333 21.30 4.79 -1.88
CA HIS B 333 20.51 4.06 -2.87
C HIS B 333 19.25 3.47 -2.24
N PHE B 334 18.10 3.88 -2.77
CA PHE B 334 16.81 3.42 -2.23
C PHE B 334 16.43 2.04 -2.76
N THR B 335 15.66 1.30 -1.96
CA THR B 335 15.14 0.01 -2.38
C THR B 335 13.64 0.08 -2.37
N LYS B 336 13.00 -0.62 -3.29
CA LYS B 336 11.54 -0.58 -3.38
C LYS B 336 10.86 -1.72 -2.62
N ASN B 337 11.57 -2.80 -2.32
CA ASN B 337 10.95 -4.00 -1.73
C ASN B 337 11.00 -3.98 -0.22
N GLY B 338 9.96 -4.56 0.37
CA GLY B 338 9.92 -4.77 1.82
C GLY B 338 10.60 -6.08 2.20
N THR B 339 10.21 -6.58 3.36
CA THR B 339 10.81 -7.79 3.92
C THR B 339 10.50 -9.01 3.03
N GLN B 340 11.53 -9.84 2.86
CA GLN B 340 11.35 -11.07 2.08
CA GLN B 340 11.50 -11.02 1.96
C GLN B 340 12.14 -12.22 2.67
N ALA B 341 11.66 -13.42 2.37
CA ALA B 341 12.26 -14.66 2.91
C ALA B 341 12.60 -15.61 1.78
N TRP B 342 13.54 -16.52 2.05
CA TRP B 342 13.86 -17.60 1.14
C TRP B 342 14.31 -18.84 1.92
N ARG B 343 14.36 -19.98 1.23
CA ARG B 343 14.75 -21.26 1.85
C ARG B 343 16.10 -21.77 1.30
N ILE B 344 16.86 -22.42 2.16
CA ILE B 344 18.16 -22.96 1.82
C ILE B 344 18.15 -24.49 1.96
N ALA B 345 17.54 -24.99 3.03
CA ALA B 345 17.24 -26.43 3.14
C ALA B 345 15.75 -26.64 3.41
N ASN B 346 15.15 -27.58 2.68
CA ASN B 346 13.76 -28.01 2.87
C ASN B 346 12.75 -26.87 3.04
C1 GOL C . -18.79 -3.50 -8.75
O1 GOL C . -18.58 -2.12 -9.11
C2 GOL C . -19.33 -3.51 -7.33
O2 GOL C . -18.26 -3.22 -6.45
C3 GOL C . -19.88 -4.88 -7.00
O3 GOL C . -20.40 -4.83 -5.68
CL CL D . -18.14 -4.10 -12.61
CL CL E . -16.91 -3.09 -16.72
CL CL F . -16.34 -10.74 -5.86
CL CL G . -16.84 -8.22 -7.72
C1 GOL H . 13.07 6.12 15.46
O1 GOL H . 12.87 4.72 15.70
C2 GOL H . 11.86 6.87 15.97
O2 GOL H . 10.74 6.58 15.15
C3 GOL H . 12.12 8.38 15.91
O3 GOL H . 11.03 8.99 16.61
CL CL I . 16.70 4.77 14.48
CL CL J . 19.87 1.79 13.57
CL CL K . 12.55 12.47 10.45
CL CL L . 13.45 9.67 11.87
#